data_2EPW
#
_entry.id   2EPW
#
loop_
_entity.id
_entity.type
_entity.pdbx_description
1 polymer 'Zinc finger protein 268'
2 non-polymer 'ZINC ION'
#
_entity_poly.entity_id   1
_entity_poly.type   'polypeptide(L)'
_entity_poly.pdbx_seq_one_letter_code
;GSSGSSGTGEKPCKCTECGKAFCWKSQLIMHQRTHVDDKHSGPSSG
;
_entity_poly.pdbx_strand_id   A
#
# COMPACT_ATOMS: atom_id res chain seq x y z
N GLY A 1 -3.39 21.36 -2.58
CA GLY A 1 -3.12 20.24 -3.45
C GLY A 1 -2.81 20.69 -4.87
N SER A 2 -1.74 21.45 -5.03
CA SER A 2 -1.34 21.94 -6.36
C SER A 2 -0.76 20.82 -7.20
N SER A 3 -0.28 21.17 -8.39
CA SER A 3 0.30 20.19 -9.29
C SER A 3 1.75 20.54 -9.62
N GLY A 4 2.56 20.68 -8.57
CA GLY A 4 3.96 21.01 -8.76
C GLY A 4 4.83 19.78 -8.91
N SER A 5 4.39 18.84 -9.75
CA SER A 5 5.14 17.61 -9.97
C SER A 5 4.98 17.14 -11.41
N SER A 6 5.99 16.43 -11.91
CA SER A 6 5.97 15.92 -13.28
C SER A 6 6.94 14.75 -13.44
N GLY A 7 6.41 13.63 -13.91
CA GLY A 7 7.23 12.44 -14.10
C GLY A 7 6.40 11.18 -14.26
N THR A 8 6.39 10.63 -15.46
CA THR A 8 5.64 9.42 -15.75
C THR A 8 6.42 8.18 -15.33
N GLY A 9 5.76 7.03 -15.40
CA GLY A 9 6.40 5.78 -15.02
C GLY A 9 5.45 4.60 -15.02
N GLU A 10 5.49 3.81 -13.96
CA GLU A 10 4.62 2.64 -13.84
C GLU A 10 4.31 2.34 -12.37
N LYS A 11 3.03 2.13 -12.08
CA LYS A 11 2.60 1.84 -10.72
C LYS A 11 1.92 0.47 -10.65
N PRO A 12 2.72 -0.60 -10.79
CA PRO A 12 2.22 -1.97 -10.75
C PRO A 12 1.75 -2.37 -9.34
N CYS A 13 2.27 -1.68 -8.33
CA CYS A 13 1.91 -1.97 -6.95
C CYS A 13 1.43 -0.71 -6.24
N LYS A 14 0.36 -0.85 -5.46
CA LYS A 14 -0.21 0.28 -4.73
C LYS A 14 -0.81 -0.17 -3.41
N CYS A 15 -0.39 0.46 -2.32
CA CYS A 15 -0.90 0.13 -0.99
C CYS A 15 -2.32 0.65 -0.79
N THR A 16 -3.18 -0.20 -0.25
CA THR A 16 -4.57 0.17 -0.02
C THR A 16 -4.81 0.50 1.44
N GLU A 17 -3.98 -0.06 2.32
CA GLU A 17 -4.10 0.17 3.75
C GLU A 17 -4.11 1.67 4.06
N CYS A 18 -3.19 2.40 3.46
CA CYS A 18 -3.09 3.84 3.66
C CYS A 18 -3.41 4.59 2.38
N GLY A 19 -3.19 3.94 1.24
CA GLY A 19 -3.47 4.56 -0.04
C GLY A 19 -2.23 5.15 -0.69
N LYS A 20 -1.07 4.64 -0.28
CA LYS A 20 0.21 5.11 -0.82
C LYS A 20 0.54 4.39 -2.12
N ALA A 21 1.01 5.15 -3.11
CA ALA A 21 1.37 4.59 -4.40
C ALA A 21 2.88 4.36 -4.50
N PHE A 22 3.27 3.26 -5.13
CA PHE A 22 4.69 2.93 -5.29
C PHE A 22 4.96 2.39 -6.69
N CYS A 23 6.20 2.58 -7.16
CA CYS A 23 6.59 2.10 -8.48
C CYS A 23 7.58 0.96 -8.37
N TRP A 24 8.33 0.94 -7.28
CA TRP A 24 9.33 -0.11 -7.05
C TRP A 24 8.74 -1.26 -6.24
N LYS A 25 9.48 -2.37 -6.17
CA LYS A 25 9.02 -3.53 -5.43
C LYS A 25 9.54 -3.50 -3.99
N SER A 26 10.85 -3.43 -3.84
CA SER A 26 11.46 -3.38 -2.51
C SER A 26 10.85 -2.28 -1.66
N GLN A 27 10.42 -1.21 -2.31
CA GLN A 27 9.81 -0.08 -1.62
C GLN A 27 8.54 -0.52 -0.89
N LEU A 28 7.81 -1.44 -1.49
CA LEU A 28 6.57 -1.94 -0.90
C LEU A 28 6.87 -3.03 0.13
N ILE A 29 7.85 -3.87 -0.17
CA ILE A 29 8.23 -4.95 0.74
C ILE A 29 8.50 -4.43 2.15
N MET A 30 9.11 -3.26 2.22
CA MET A 30 9.43 -2.64 3.50
C MET A 30 8.25 -1.81 4.02
N HIS A 31 7.45 -1.30 3.08
CA HIS A 31 6.29 -0.49 3.44
C HIS A 31 5.30 -1.29 4.27
N GLN A 32 5.24 -2.59 4.02
CA GLN A 32 4.33 -3.48 4.75
C GLN A 32 4.84 -3.72 6.17
N ARG A 33 6.15 -3.64 6.35
CA ARG A 33 6.75 -3.85 7.65
C ARG A 33 6.13 -2.93 8.70
N THR A 34 6.18 -1.63 8.44
CA THR A 34 5.63 -0.64 9.36
C THR A 34 4.13 -0.87 9.58
N HIS A 35 3.48 -1.49 8.59
CA HIS A 35 2.06 -1.77 8.68
C HIS A 35 1.79 -2.97 9.59
N VAL A 36 1.78 -2.71 10.91
CA VAL A 36 1.53 -3.76 11.89
C VAL A 36 0.09 -3.74 12.37
N ASP A 37 -0.49 -2.54 12.41
CA ASP A 37 -1.88 -2.38 12.85
C ASP A 37 -2.82 -3.15 11.95
N ASP A 38 -4.05 -3.35 12.41
CA ASP A 38 -5.06 -4.07 11.65
C ASP A 38 -6.23 -3.15 11.29
N LYS A 39 -7.01 -3.57 10.30
CA LYS A 39 -8.16 -2.79 9.86
C LYS A 39 -9.15 -2.58 10.99
N HIS A 40 -9.27 -1.34 11.45
CA HIS A 40 -10.19 -1.01 12.54
C HIS A 40 -11.13 0.12 12.13
N SER A 41 -12.21 0.28 12.87
CA SER A 41 -13.19 1.32 12.60
C SER A 41 -12.61 2.71 12.88
N GLY A 42 -12.68 3.59 11.89
CA GLY A 42 -12.16 4.94 12.06
C GLY A 42 -12.41 5.81 10.85
N PRO A 43 -11.70 5.53 9.75
CA PRO A 43 -11.83 6.27 8.50
C PRO A 43 -13.17 6.04 7.82
N SER A 44 -14.19 6.77 8.26
CA SER A 44 -15.53 6.63 7.69
C SER A 44 -15.55 7.06 6.23
N SER A 45 -15.86 6.12 5.34
CA SER A 45 -15.92 6.42 3.91
C SER A 45 -17.10 5.70 3.26
N GLY A 46 -17.32 5.99 1.98
CA GLY A 46 -18.42 5.39 1.26
C GLY A 46 -17.97 4.21 0.40
N GLY A 1 -5.32 -4.03 -19.17
CA GLY A 1 -5.16 -3.88 -20.61
C GLY A 1 -6.36 -4.40 -21.38
N SER A 2 -7.49 -3.71 -21.25
CA SER A 2 -8.71 -4.11 -21.94
C SER A 2 -9.01 -3.16 -23.10
N SER A 3 -9.17 -1.89 -22.79
CA SER A 3 -9.46 -0.88 -23.81
C SER A 3 -8.26 0.02 -24.03
N GLY A 4 -7.47 0.24 -22.97
CA GLY A 4 -6.30 1.09 -23.08
C GLY A 4 -5.11 0.38 -23.68
N SER A 5 -3.99 0.39 -22.97
CA SER A 5 -2.77 -0.25 -23.44
C SER A 5 -2.44 -1.48 -22.59
N SER A 6 -1.52 -2.30 -23.08
CA SER A 6 -1.12 -3.51 -22.36
C SER A 6 0.37 -3.49 -22.06
N GLY A 7 0.71 -3.74 -20.79
CA GLY A 7 2.10 -3.75 -20.39
C GLY A 7 2.29 -3.38 -18.93
N THR A 8 3.40 -2.71 -18.62
CA THR A 8 3.69 -2.30 -17.26
C THR A 8 3.71 -0.78 -17.13
N GLY A 9 2.81 -0.25 -16.29
CA GLY A 9 2.74 1.19 -16.10
C GLY A 9 3.86 1.71 -15.22
N GLU A 10 3.60 2.80 -14.51
CA GLU A 10 4.59 3.41 -13.63
C GLU A 10 4.28 3.09 -12.17
N LYS A 11 3.00 2.86 -11.88
CA LYS A 11 2.57 2.55 -10.52
C LYS A 11 1.86 1.20 -10.47
N PRO A 12 2.63 0.12 -10.59
CA PRO A 12 2.09 -1.25 -10.56
C PRO A 12 1.58 -1.64 -9.17
N CYS A 13 2.38 -1.34 -8.14
CA CYS A 13 2.01 -1.65 -6.78
C CYS A 13 1.29 -0.48 -6.12
N LYS A 14 0.26 -0.78 -5.33
CA LYS A 14 -0.51 0.24 -4.64
C LYS A 14 -1.03 -0.27 -3.31
N CYS A 15 -0.53 0.30 -2.21
CA CYS A 15 -0.96 -0.10 -0.88
C CYS A 15 -2.42 0.28 -0.63
N THR A 16 -3.12 -0.54 0.14
CA THR A 16 -4.52 -0.30 0.45
C THR A 16 -4.69 0.24 1.86
N GLU A 17 -3.73 -0.08 2.73
CA GLU A 17 -3.76 0.37 4.12
C GLU A 17 -3.71 1.89 4.20
N CYS A 18 -3.04 2.51 3.22
CA CYS A 18 -2.92 3.96 3.18
C CYS A 18 -3.36 4.51 1.83
N GLY A 19 -3.01 3.79 0.76
CA GLY A 19 -3.37 4.22 -0.57
C GLY A 19 -2.18 4.65 -1.40
N LYS A 20 -1.08 4.97 -0.71
CA LYS A 20 0.14 5.40 -1.39
C LYS A 20 0.57 4.40 -2.45
N ALA A 21 0.67 4.86 -3.69
CA ALA A 21 1.08 3.99 -4.79
C ALA A 21 2.58 4.09 -5.05
N PHE A 22 3.28 2.97 -4.91
CA PHE A 22 4.72 2.94 -5.13
C PHE A 22 5.04 2.38 -6.51
N CYS A 23 6.19 2.78 -7.04
CA CYS A 23 6.62 2.33 -8.36
C CYS A 23 7.58 1.15 -8.24
N TRP A 24 8.31 1.09 -7.14
CA TRP A 24 9.26 0.01 -6.90
C TRP A 24 8.62 -1.11 -6.11
N LYS A 25 9.25 -2.29 -6.14
CA LYS A 25 8.73 -3.45 -5.44
C LYS A 25 9.36 -3.57 -4.04
N SER A 26 10.69 -3.57 -4.00
CA SER A 26 11.40 -3.67 -2.73
C SER A 26 10.95 -2.58 -1.77
N GLN A 27 10.69 -1.40 -2.29
CA GLN A 27 10.25 -0.26 -1.47
C GLN A 27 8.91 -0.58 -0.80
N LEU A 28 8.13 -1.45 -1.42
CA LEU A 28 6.83 -1.84 -0.89
C LEU A 28 6.97 -2.96 0.14
N ILE A 29 7.90 -3.87 -0.12
CA ILE A 29 8.14 -5.00 0.78
C ILE A 29 8.41 -4.52 2.20
N MET A 30 9.13 -3.40 2.32
CA MET A 30 9.45 -2.83 3.62
C MET A 30 8.34 -1.91 4.10
N HIS A 31 7.58 -1.35 3.16
CA HIS A 31 6.48 -0.46 3.49
C HIS A 31 5.40 -1.19 4.28
N GLN A 32 5.28 -2.49 4.04
CA GLN A 32 4.28 -3.31 4.73
C GLN A 32 4.73 -3.62 6.15
N ARG A 33 6.05 -3.64 6.36
CA ARG A 33 6.60 -3.94 7.68
C ARG A 33 6.01 -3.02 8.74
N THR A 34 6.10 -1.72 8.50
CA THR A 34 5.58 -0.72 9.43
C THR A 34 4.08 -0.88 9.61
N HIS A 35 3.42 -1.42 8.58
CA HIS A 35 1.98 -1.62 8.63
C HIS A 35 1.62 -2.82 9.49
N VAL A 36 1.78 -2.67 10.80
CA VAL A 36 1.47 -3.75 11.74
C VAL A 36 0.05 -4.28 11.53
N ASP A 37 -0.10 -5.59 11.61
CA ASP A 37 -1.41 -6.21 11.43
C ASP A 37 -2.04 -6.54 12.78
N ASP A 38 -3.19 -5.93 13.05
CA ASP A 38 -3.91 -6.16 14.30
C ASP A 38 -5.37 -6.47 14.04
N LYS A 39 -5.64 -7.66 13.51
CA LYS A 39 -7.01 -8.08 13.21
C LYS A 39 -7.35 -9.35 13.97
N HIS A 40 -8.11 -9.21 15.05
CA HIS A 40 -8.52 -10.35 15.86
C HIS A 40 -9.63 -11.14 15.16
N SER A 41 -9.34 -12.38 14.82
CA SER A 41 -10.32 -13.24 14.15
C SER A 41 -11.40 -13.70 15.12
N GLY A 42 -12.64 -13.66 14.68
CA GLY A 42 -13.75 -14.08 15.52
C GLY A 42 -13.58 -15.49 16.05
N PRO A 43 -14.53 -15.93 16.88
CA PRO A 43 -14.50 -17.26 17.48
C PRO A 43 -14.74 -18.37 16.46
N SER A 44 -15.71 -18.16 15.58
CA SER A 44 -16.05 -19.13 14.55
C SER A 44 -15.18 -18.94 13.31
N SER A 45 -15.35 -19.81 12.33
CA SER A 45 -14.58 -19.74 11.10
C SER A 45 -15.31 -20.45 9.95
N GLY A 46 -15.60 -19.70 8.90
CA GLY A 46 -16.30 -20.27 7.76
C GLY A 46 -16.21 -19.39 6.53
N GLY A 1 -7.47 14.25 2.24
CA GLY A 1 -6.05 14.41 1.97
C GLY A 1 -5.50 13.28 1.12
N SER A 2 -6.30 12.79 0.19
CA SER A 2 -5.89 11.70 -0.69
C SER A 2 -5.57 12.22 -2.08
N SER A 3 -4.58 13.11 -2.17
CA SER A 3 -4.17 13.68 -3.45
C SER A 3 -2.95 12.95 -4.02
N GLY A 4 -2.58 13.31 -5.24
CA GLY A 4 -1.44 12.68 -5.88
C GLY A 4 -1.52 12.71 -7.38
N SER A 5 -0.38 12.80 -8.04
CA SER A 5 -0.32 12.84 -9.50
C SER A 5 -0.14 11.44 -10.07
N SER A 6 -1.25 10.85 -10.54
CA SER A 6 -1.22 9.51 -11.11
C SER A 6 -1.51 9.56 -12.62
N GLY A 7 -0.47 9.37 -13.42
CA GLY A 7 -0.63 9.39 -14.85
C GLY A 7 0.68 9.20 -15.59
N THR A 8 1.55 10.19 -15.52
CA THR A 8 2.85 10.13 -16.18
C THR A 8 3.65 8.92 -15.71
N GLY A 9 3.76 8.76 -14.39
CA GLY A 9 4.50 7.65 -13.85
C GLY A 9 3.66 6.39 -13.76
N GLU A 10 4.31 5.23 -13.93
CA GLU A 10 3.61 3.96 -13.87
C GLU A 10 3.22 3.62 -12.43
N LYS A 11 2.25 2.73 -12.29
CA LYS A 11 1.78 2.32 -10.97
C LYS A 11 1.59 0.81 -10.91
N PRO A 12 2.71 0.05 -10.91
CA PRO A 12 2.69 -1.41 -10.86
C PRO A 12 2.23 -1.92 -9.50
N CYS A 13 2.69 -1.26 -8.43
CA CYS A 13 2.33 -1.67 -7.08
C CYS A 13 1.62 -0.53 -6.36
N LYS A 14 0.59 -0.88 -5.58
CA LYS A 14 -0.19 0.10 -4.83
C LYS A 14 -0.59 -0.45 -3.47
N CYS A 15 -0.51 0.40 -2.45
CA CYS A 15 -0.87 0.00 -1.09
C CYS A 15 -2.31 0.39 -0.78
N THR A 16 -3.03 -0.53 -0.13
CA THR A 16 -4.42 -0.29 0.22
C THR A 16 -4.55 0.15 1.68
N GLU A 17 -3.58 -0.25 2.50
CA GLU A 17 -3.59 0.09 3.91
C GLU A 17 -3.61 1.61 4.09
N CYS A 18 -2.88 2.31 3.23
CA CYS A 18 -2.81 3.77 3.30
C CYS A 18 -3.30 4.39 2.00
N GLY A 19 -3.00 3.74 0.88
CA GLY A 19 -3.43 4.24 -0.40
C GLY A 19 -2.26 4.69 -1.26
N LYS A 20 -1.16 5.06 -0.61
CA LYS A 20 0.03 5.50 -1.31
C LYS A 20 0.46 4.50 -2.38
N ALA A 21 0.89 5.00 -3.53
CA ALA A 21 1.32 4.13 -4.62
C ALA A 21 2.84 4.10 -4.72
N PHE A 22 3.41 2.90 -4.66
CA PHE A 22 4.85 2.73 -4.75
C PHE A 22 5.25 2.14 -6.10
N CYS A 23 6.06 2.87 -6.84
CA CYS A 23 6.52 2.42 -8.16
C CYS A 23 7.49 1.26 -8.02
N TRP A 24 8.24 1.24 -6.92
CA TRP A 24 9.20 0.18 -6.68
C TRP A 24 8.59 -0.94 -5.84
N LYS A 25 8.53 -2.13 -6.41
CA LYS A 25 7.97 -3.29 -5.71
C LYS A 25 8.76 -3.60 -4.45
N SER A 26 10.05 -3.29 -4.46
CA SER A 26 10.92 -3.54 -3.32
C SER A 26 10.59 -2.59 -2.17
N GLN A 27 10.10 -1.41 -2.51
CA GLN A 27 9.75 -0.41 -1.51
C GLN A 27 8.50 -0.83 -0.74
N LEU A 28 7.64 -1.60 -1.39
CA LEU A 28 6.41 -2.06 -0.77
C LEU A 28 6.70 -3.17 0.25
N ILE A 29 7.72 -3.98 -0.04
CA ILE A 29 8.10 -5.07 0.86
C ILE A 29 8.33 -4.56 2.28
N MET A 30 9.17 -3.54 2.40
CA MET A 30 9.48 -2.96 3.70
C MET A 30 8.34 -2.06 4.19
N HIS A 31 7.64 -1.44 3.23
CA HIS A 31 6.52 -0.55 3.56
C HIS A 31 5.50 -1.28 4.43
N GLN A 32 5.34 -2.58 4.20
CA GLN A 32 4.39 -3.38 4.95
C GLN A 32 4.86 -3.56 6.40
N ARG A 33 6.17 -3.52 6.59
CA ARG A 33 6.75 -3.67 7.92
C ARG A 33 6.11 -2.71 8.91
N THR A 34 6.24 -1.41 8.63
CA THR A 34 5.66 -0.38 9.50
C THR A 34 4.16 -0.56 9.65
N HIS A 35 3.53 -1.18 8.66
CA HIS A 35 2.10 -1.42 8.68
C HIS A 35 1.74 -2.54 9.64
N VAL A 36 1.78 -2.24 10.93
CA VAL A 36 1.46 -3.24 11.96
C VAL A 36 0.13 -2.93 12.63
N ASP A 37 -0.81 -3.87 12.55
CA ASP A 37 -2.12 -3.70 13.15
C ASP A 37 -2.01 -3.48 14.65
N ASP A 38 -2.74 -2.50 15.16
CA ASP A 38 -2.71 -2.19 16.59
C ASP A 38 -3.40 -3.28 17.39
N LYS A 39 -3.39 -3.14 18.72
CA LYS A 39 -4.02 -4.11 19.60
C LYS A 39 -4.67 -3.44 20.79
N HIS A 40 -5.29 -4.23 21.65
CA HIS A 40 -5.96 -3.70 22.85
C HIS A 40 -4.94 -3.41 23.94
N SER A 41 -3.82 -4.13 23.93
CA SER A 41 -2.78 -3.95 24.92
C SER A 41 -2.22 -2.53 24.88
N GLY A 42 -1.85 -2.01 26.04
CA GLY A 42 -1.31 -0.66 26.11
C GLY A 42 -2.34 0.35 26.56
N PRO A 43 -1.89 1.59 26.81
CA PRO A 43 -2.77 2.68 27.25
C PRO A 43 -3.71 3.15 26.14
N SER A 44 -4.80 2.42 25.95
CA SER A 44 -5.78 2.76 24.93
C SER A 44 -6.47 4.08 25.25
N SER A 45 -6.50 4.97 24.27
CA SER A 45 -7.12 6.28 24.45
C SER A 45 -8.33 6.43 23.52
N GLY A 46 -8.07 6.43 22.22
CA GLY A 46 -9.14 6.57 21.25
C GLY A 46 -8.72 6.16 19.85
N GLY A 1 -17.38 21.71 -14.59
CA GLY A 1 -16.44 21.43 -15.65
C GLY A 1 -15.17 20.77 -15.16
N SER A 2 -15.33 19.76 -14.29
CA SER A 2 -14.19 19.05 -13.74
C SER A 2 -14.10 17.63 -14.30
N SER A 3 -13.68 17.53 -15.57
CA SER A 3 -13.56 16.24 -16.22
C SER A 3 -12.09 15.83 -16.36
N GLY A 4 -11.80 14.61 -15.95
CA GLY A 4 -10.42 14.12 -16.02
C GLY A 4 -9.65 14.34 -14.74
N SER A 5 -8.84 13.37 -14.36
CA SER A 5 -8.05 13.46 -13.14
C SER A 5 -6.57 13.19 -13.43
N SER A 6 -5.71 13.98 -12.80
CA SER A 6 -4.27 13.83 -12.99
C SER A 6 -3.80 12.43 -12.59
N GLY A 7 -3.00 11.82 -13.44
CA GLY A 7 -2.50 10.49 -13.17
C GLY A 7 -1.82 9.85 -14.36
N THR A 8 -0.58 10.26 -14.62
CA THR A 8 0.17 9.73 -15.75
C THR A 8 1.39 8.95 -15.28
N GLY A 9 1.50 7.70 -15.71
CA GLY A 9 2.62 6.86 -15.33
C GLY A 9 2.31 5.38 -15.43
N GLU A 10 2.85 4.60 -14.51
CA GLU A 10 2.63 3.15 -14.50
C GLU A 10 1.95 2.72 -13.21
N LYS A 11 2.68 2.81 -12.11
CA LYS A 11 2.16 2.42 -10.80
C LYS A 11 1.71 0.96 -10.81
N PRO A 12 2.68 0.03 -10.85
CA PRO A 12 2.42 -1.40 -10.86
C PRO A 12 1.87 -1.90 -9.52
N CYS A 13 2.44 -1.40 -8.44
CA CYS A 13 2.01 -1.79 -7.10
C CYS A 13 1.35 -0.63 -6.37
N LYS A 14 0.33 -0.93 -5.57
CA LYS A 14 -0.39 0.09 -4.82
C LYS A 14 -0.85 -0.44 -3.48
N CYS A 15 -0.67 0.35 -2.42
CA CYS A 15 -1.07 -0.04 -1.08
C CYS A 15 -2.51 0.37 -0.80
N THR A 16 -3.22 -0.46 -0.05
CA THR A 16 -4.62 -0.16 0.29
C THR A 16 -4.75 0.24 1.75
N GLU A 17 -3.80 -0.21 2.57
CA GLU A 17 -3.82 0.11 4.00
C GLU A 17 -3.91 1.62 4.21
N CYS A 18 -3.03 2.36 3.54
CA CYS A 18 -3.02 3.82 3.66
C CYS A 18 -3.45 4.47 2.36
N GLY A 19 -3.11 3.83 1.23
CA GLY A 19 -3.47 4.37 -0.06
C GLY A 19 -2.30 5.04 -0.76
N LYS A 20 -1.09 4.60 -0.43
CA LYS A 20 0.11 5.17 -1.02
C LYS A 20 0.50 4.42 -2.30
N ALA A 21 1.10 5.13 -3.24
CA ALA A 21 1.52 4.52 -4.50
C ALA A 21 3.02 4.24 -4.50
N PHE A 22 3.39 3.08 -5.04
CA PHE A 22 4.80 2.70 -5.10
C PHE A 22 5.15 2.17 -6.49
N CYS A 23 6.25 2.68 -7.05
CA CYS A 23 6.69 2.26 -8.38
C CYS A 23 7.60 1.04 -8.28
N TRP A 24 8.41 0.99 -7.24
CA TRP A 24 9.33 -0.13 -7.04
C TRP A 24 8.69 -1.20 -6.17
N LYS A 25 9.30 -2.38 -6.15
CA LYS A 25 8.79 -3.51 -5.37
C LYS A 25 9.43 -3.53 -3.98
N SER A 26 10.77 -3.45 -3.95
CA SER A 26 11.49 -3.48 -2.69
C SER A 26 10.96 -2.44 -1.73
N GLN A 27 10.44 -1.33 -2.28
CA GLN A 27 9.90 -0.25 -1.46
C GLN A 27 8.61 -0.69 -0.78
N LEU A 28 7.82 -1.51 -1.48
CA LEU A 28 6.56 -1.99 -0.93
C LEU A 28 6.80 -3.10 0.09
N ILE A 29 7.78 -3.95 -0.19
CA ILE A 29 8.11 -5.05 0.70
C ILE A 29 8.42 -4.55 2.11
N MET A 30 9.03 -3.36 2.19
CA MET A 30 9.37 -2.77 3.47
C MET A 30 8.25 -1.87 3.97
N HIS A 31 7.46 -1.34 3.04
CA HIS A 31 6.35 -0.46 3.39
C HIS A 31 5.31 -1.20 4.22
N GLN A 32 5.19 -2.51 3.98
CA GLN A 32 4.23 -3.33 4.71
C GLN A 32 4.70 -3.58 6.14
N ARG A 33 6.01 -3.54 6.34
CA ARG A 33 6.59 -3.76 7.66
C ARG A 33 6.00 -2.79 8.68
N THR A 34 6.20 -1.49 8.43
CA THR A 34 5.69 -0.47 9.33
C THR A 34 4.20 -0.65 9.59
N HIS A 35 3.49 -1.17 8.60
CA HIS A 35 2.05 -1.39 8.73
C HIS A 35 1.77 -2.51 9.72
N VAL A 36 2.18 -3.72 9.37
CA VAL A 36 1.97 -4.88 10.23
C VAL A 36 2.66 -4.71 11.57
N ASP A 37 1.98 -5.06 12.65
CA ASP A 37 2.53 -4.94 13.99
C ASP A 37 1.97 -6.03 14.91
N ASP A 38 2.77 -6.43 15.89
CA ASP A 38 2.35 -7.46 16.83
C ASP A 38 1.12 -7.02 17.62
N LYS A 39 0.44 -7.97 18.25
CA LYS A 39 -0.75 -7.68 19.02
C LYS A 39 -1.23 -8.93 19.77
N HIS A 40 -1.75 -8.72 20.98
CA HIS A 40 -2.23 -9.82 21.80
C HIS A 40 -3.48 -9.41 22.58
N SER A 41 -4.50 -10.26 22.55
CA SER A 41 -5.75 -9.98 23.24
C SER A 41 -6.35 -11.27 23.81
N GLY A 42 -6.90 -11.16 25.02
CA GLY A 42 -7.51 -12.32 25.66
C GLY A 42 -8.87 -12.65 25.08
N PRO A 43 -9.56 -13.61 25.71
CA PRO A 43 -10.89 -14.04 25.28
C PRO A 43 -11.96 -12.99 25.53
N SER A 44 -12.38 -12.31 24.47
CA SER A 44 -13.40 -11.27 24.58
C SER A 44 -14.30 -11.26 23.34
N SER A 45 -15.39 -10.51 23.42
CA SER A 45 -16.34 -10.41 22.32
C SER A 45 -15.68 -9.77 21.10
N GLY A 46 -16.35 -9.89 19.96
CA GLY A 46 -15.81 -9.32 18.73
C GLY A 46 -15.09 -10.35 17.88
N GLY A 1 -7.13 8.93 -1.61
CA GLY A 1 -7.59 10.31 -1.62
C GLY A 1 -7.07 11.08 -2.82
N SER A 2 -6.83 10.37 -3.92
CA SER A 2 -6.32 10.99 -5.14
C SER A 2 -7.15 10.57 -6.35
N SER A 3 -7.45 11.54 -7.22
CA SER A 3 -8.24 11.27 -8.41
C SER A 3 -7.39 11.45 -9.67
N GLY A 4 -6.17 10.92 -9.64
CA GLY A 4 -5.28 11.04 -10.78
C GLY A 4 -5.14 9.73 -11.53
N SER A 5 -6.18 8.91 -11.51
CA SER A 5 -6.18 7.62 -12.20
C SER A 5 -6.54 7.79 -13.67
N SER A 6 -5.59 8.27 -14.45
CA SER A 6 -5.80 8.48 -15.88
C SER A 6 -5.76 7.16 -16.64
N GLY A 7 -4.88 6.26 -16.21
CA GLY A 7 -4.76 4.96 -16.86
C GLY A 7 -3.51 4.85 -17.71
N THR A 8 -2.36 5.10 -17.09
CA THR A 8 -1.09 5.02 -17.80
C THR A 8 -0.26 3.84 -17.33
N GLY A 9 -0.46 3.45 -16.06
CA GLY A 9 0.27 2.34 -15.51
C GLY A 9 1.53 2.78 -14.77
N GLU A 10 1.42 3.88 -14.04
CA GLU A 10 2.55 4.41 -13.28
C GLU A 10 2.42 4.08 -11.80
N LYS A 11 1.83 2.92 -11.51
CA LYS A 11 1.63 2.49 -10.13
C LYS A 11 1.18 1.03 -10.07
N PRO A 12 2.12 0.11 -10.36
CA PRO A 12 1.83 -1.33 -10.35
C PRO A 12 1.59 -1.86 -8.94
N CYS A 13 2.44 -1.45 -8.00
CA CYS A 13 2.32 -1.89 -6.62
C CYS A 13 1.86 -0.74 -5.73
N LYS A 14 0.56 -0.51 -5.69
CA LYS A 14 -0.02 0.56 -4.87
C LYS A 14 -0.59 0.00 -3.57
N CYS A 15 -0.28 0.66 -2.46
CA CYS A 15 -0.77 0.23 -1.16
C CYS A 15 -2.21 0.70 -0.94
N THR A 16 -3.08 -0.23 -0.58
CA THR A 16 -4.49 0.09 -0.34
C THR A 16 -4.74 0.37 1.14
N GLU A 17 -3.89 -0.20 2.00
CA GLU A 17 -4.02 -0.02 3.44
C GLU A 17 -4.00 1.46 3.81
N CYS A 18 -3.16 2.22 3.11
CA CYS A 18 -3.04 3.65 3.37
C CYS A 18 -3.43 4.45 2.13
N GLY A 19 -3.18 3.88 0.96
CA GLY A 19 -3.51 4.55 -0.29
C GLY A 19 -2.28 4.96 -1.07
N LYS A 20 -1.16 5.15 -0.36
CA LYS A 20 0.09 5.54 -1.00
C LYS A 20 0.48 4.54 -2.09
N ALA A 21 0.78 5.04 -3.27
CA ALA A 21 1.16 4.20 -4.39
C ALA A 21 2.69 4.10 -4.50
N PHE A 22 3.18 2.93 -4.89
CA PHE A 22 4.61 2.70 -5.04
C PHE A 22 4.94 2.15 -6.42
N CYS A 23 5.97 2.71 -7.04
CA CYS A 23 6.39 2.28 -8.37
C CYS A 23 7.59 1.35 -8.29
N TRP A 24 7.68 0.62 -7.18
CA TRP A 24 8.78 -0.32 -6.98
C TRP A 24 8.33 -1.52 -6.16
N LYS A 25 9.15 -2.57 -6.14
CA LYS A 25 8.83 -3.78 -5.39
C LYS A 25 9.40 -3.70 -3.97
N SER A 26 10.72 -3.64 -3.87
CA SER A 26 11.39 -3.57 -2.58
C SER A 26 10.85 -2.41 -1.75
N GLN A 27 10.46 -1.34 -2.43
CA GLN A 27 9.93 -0.16 -1.75
C GLN A 27 8.65 -0.50 -0.99
N LEU A 28 7.94 -1.52 -1.46
CA LEU A 28 6.70 -1.95 -0.82
C LEU A 28 6.97 -3.04 0.21
N ILE A 29 7.91 -3.93 -0.11
CA ILE A 29 8.25 -5.02 0.80
C ILE A 29 8.62 -4.49 2.18
N MET A 30 9.22 -3.30 2.22
CA MET A 30 9.61 -2.69 3.48
C MET A 30 8.48 -1.81 4.03
N HIS A 31 7.64 -1.31 3.14
CA HIS A 31 6.52 -0.47 3.53
C HIS A 31 5.51 -1.25 4.38
N GLN A 32 5.47 -2.56 4.15
CA GLN A 32 4.55 -3.42 4.90
C GLN A 32 5.04 -3.63 6.32
N ARG A 33 6.34 -3.53 6.52
CA ARG A 33 6.94 -3.71 7.84
C ARG A 33 6.26 -2.84 8.88
N THR A 34 6.14 -1.54 8.57
CA THR A 34 5.50 -0.60 9.47
C THR A 34 4.01 -0.89 9.62
N HIS A 35 3.43 -1.49 8.60
CA HIS A 35 2.01 -1.84 8.62
C HIS A 35 1.76 -3.06 9.51
N VAL A 36 1.68 -2.83 10.81
CA VAL A 36 1.44 -3.90 11.76
C VAL A 36 0.18 -4.69 11.39
N ASP A 37 0.07 -5.89 11.95
CA ASP A 37 -1.08 -6.75 11.69
C ASP A 37 -2.37 -6.10 12.19
N ASP A 38 -2.52 -6.04 13.51
CA ASP A 38 -3.70 -5.45 14.12
C ASP A 38 -3.81 -3.97 13.76
N LYS A 39 -5.01 -3.42 13.92
CA LYS A 39 -5.25 -2.01 13.62
C LYS A 39 -5.88 -1.30 14.81
N HIS A 40 -5.36 -1.57 16.00
CA HIS A 40 -5.87 -0.96 17.23
C HIS A 40 -5.10 0.32 17.55
N SER A 41 -3.79 0.26 17.39
CA SER A 41 -2.93 1.41 17.68
C SER A 41 -2.69 2.23 16.42
N GLY A 42 -2.77 1.58 15.27
CA GLY A 42 -2.55 2.25 14.00
C GLY A 42 -3.81 2.93 13.49
N PRO A 43 -3.75 3.42 12.24
CA PRO A 43 -4.89 4.10 11.60
C PRO A 43 -6.02 3.14 11.29
N SER A 44 -7.19 3.70 10.95
CA SER A 44 -8.35 2.89 10.62
C SER A 44 -8.36 2.53 9.14
N SER A 45 -8.68 1.27 8.84
CA SER A 45 -8.72 0.80 7.47
C SER A 45 -10.07 1.07 6.83
N GLY A 46 -10.06 1.68 5.64
CA GLY A 46 -11.29 2.00 4.95
C GLY A 46 -11.12 3.11 3.94
N GLY A 1 -11.48 4.53 -5.23
CA GLY A 1 -10.66 3.74 -6.12
C GLY A 1 -10.21 4.51 -7.34
N SER A 2 -11.18 5.11 -8.04
CA SER A 2 -10.88 5.88 -9.24
C SER A 2 -10.26 4.99 -10.32
N SER A 3 -10.70 3.74 -10.37
CA SER A 3 -10.19 2.79 -11.34
C SER A 3 -11.31 2.27 -12.25
N GLY A 4 -10.94 1.72 -13.39
CA GLY A 4 -11.92 1.20 -14.32
C GLY A 4 -11.56 1.49 -15.76
N SER A 5 -11.05 2.70 -16.01
CA SER A 5 -10.68 3.11 -17.36
C SER A 5 -9.17 3.32 -17.46
N SER A 6 -8.56 3.75 -16.36
CA SER A 6 -7.13 4.00 -16.33
C SER A 6 -6.35 2.70 -16.16
N GLY A 7 -5.11 2.69 -16.62
CA GLY A 7 -4.28 1.50 -16.51
C GLY A 7 -2.81 1.83 -16.38
N THR A 8 -2.19 2.22 -17.50
CA THR A 8 -0.78 2.56 -17.51
C THR A 8 -0.55 3.96 -16.95
N GLY A 9 0.04 4.03 -15.76
CA GLY A 9 0.31 5.31 -15.13
C GLY A 9 1.53 5.28 -14.25
N GLU A 10 2.46 4.38 -14.54
CA GLU A 10 3.69 4.24 -13.77
C GLU A 10 3.37 3.96 -12.31
N LYS A 11 2.45 3.03 -12.07
CA LYS A 11 2.06 2.67 -10.72
C LYS A 11 1.50 1.24 -10.68
N PRO A 12 2.40 0.25 -10.86
CA PRO A 12 2.02 -1.16 -10.84
C PRO A 12 1.63 -1.65 -9.45
N CYS A 13 2.41 -1.26 -8.45
CA CYS A 13 2.14 -1.65 -7.06
C CYS A 13 1.61 -0.47 -6.26
N LYS A 14 0.45 -0.65 -5.65
CA LYS A 14 -0.16 0.40 -4.84
C LYS A 14 -0.71 -0.17 -3.53
N CYS A 15 -0.33 0.46 -2.42
CA CYS A 15 -0.79 0.03 -1.10
C CYS A 15 -2.23 0.45 -0.85
N THR A 16 -3.07 -0.51 -0.46
CA THR A 16 -4.47 -0.22 -0.19
C THR A 16 -4.70 0.10 1.28
N GLU A 17 -3.81 -0.41 2.13
CA GLU A 17 -3.91 -0.18 3.57
C GLU A 17 -3.99 1.32 3.87
N CYS A 18 -3.10 2.09 3.26
CA CYS A 18 -3.08 3.53 3.46
C CYS A 18 -3.49 4.27 2.19
N GLY A 19 -3.13 3.70 1.05
CA GLY A 19 -3.47 4.32 -0.23
C GLY A 19 -2.28 5.00 -0.87
N LYS A 20 -1.08 4.55 -0.52
CA LYS A 20 0.14 5.13 -1.06
C LYS A 20 0.55 4.41 -2.35
N ALA A 21 1.16 5.15 -3.27
CA ALA A 21 1.59 4.58 -4.55
C ALA A 21 3.10 4.31 -4.52
N PHE A 22 3.48 3.10 -4.93
CA PHE A 22 4.89 2.72 -4.96
C PHE A 22 5.24 2.09 -6.31
N CYS A 23 5.99 2.84 -7.12
CA CYS A 23 6.40 2.36 -8.43
C CYS A 23 7.33 1.16 -8.31
N TRP A 24 8.03 1.08 -7.19
CA TRP A 24 8.96 -0.03 -6.95
C TRP A 24 8.29 -1.11 -6.11
N LYS A 25 8.80 -2.34 -6.23
CA LYS A 25 8.26 -3.47 -5.48
C LYS A 25 9.02 -3.67 -4.17
N SER A 26 10.34 -3.55 -4.23
CA SER A 26 11.18 -3.73 -3.05
C SER A 26 10.81 -2.72 -1.97
N GLN A 27 10.45 -1.51 -2.39
CA GLN A 27 10.06 -0.46 -1.46
C GLN A 27 8.78 -0.83 -0.71
N LEU A 28 7.95 -1.64 -1.35
CA LEU A 28 6.70 -2.07 -0.74
C LEU A 28 6.94 -3.14 0.31
N ILE A 29 7.95 -3.99 0.07
CA ILE A 29 8.28 -5.05 1.00
C ILE A 29 8.51 -4.50 2.42
N MET A 30 9.19 -3.36 2.50
CA MET A 30 9.47 -2.73 3.78
C MET A 30 8.29 -1.87 4.23
N HIS A 31 7.53 -1.37 3.28
CA HIS A 31 6.36 -0.54 3.58
C HIS A 31 5.33 -1.32 4.38
N GLN A 32 5.33 -2.64 4.21
CA GLN A 32 4.39 -3.50 4.93
C GLN A 32 4.82 -3.69 6.38
N ARG A 33 6.13 -3.58 6.62
CA ARG A 33 6.66 -3.75 7.96
C ARG A 33 6.13 -2.67 8.90
N THR A 34 6.27 -1.41 8.48
CA THR A 34 5.81 -0.28 9.28
C THR A 34 4.31 -0.38 9.56
N HIS A 35 3.60 -1.07 8.68
CA HIS A 35 2.16 -1.24 8.84
C HIS A 35 1.85 -2.30 9.89
N VAL A 36 2.13 -1.98 11.16
CA VAL A 36 1.88 -2.90 12.26
C VAL A 36 0.57 -2.57 12.96
N ASP A 37 -0.15 -3.60 13.38
CA ASP A 37 -1.42 -3.42 14.07
C ASP A 37 -1.21 -3.25 15.58
N ASP A 38 -1.57 -2.08 16.09
CA ASP A 38 -1.42 -1.80 17.52
C ASP A 38 -2.71 -1.22 18.10
N LYS A 39 -3.14 -1.78 19.22
CA LYS A 39 -4.35 -1.32 19.88
C LYS A 39 -4.10 -1.04 21.36
N HIS A 40 -4.84 -0.08 21.91
CA HIS A 40 -4.70 0.29 23.31
C HIS A 40 -5.75 -0.41 24.17
N SER A 41 -5.48 -0.50 25.47
CA SER A 41 -6.40 -1.15 26.40
C SER A 41 -7.22 -0.11 27.17
N GLY A 42 -8.48 0.05 26.77
CA GLY A 42 -9.35 1.01 27.43
C GLY A 42 -10.82 0.76 27.13
N PRO A 43 -11.24 1.07 25.90
CA PRO A 43 -12.62 0.88 25.47
C PRO A 43 -13.00 -0.59 25.33
N SER A 44 -12.03 -1.41 24.96
CA SER A 44 -12.26 -2.84 24.79
C SER A 44 -11.03 -3.64 25.20
N SER A 45 -11.27 -4.76 25.89
CA SER A 45 -10.18 -5.62 26.34
C SER A 45 -10.41 -7.07 25.93
N GLY A 46 -11.43 -7.68 26.52
CA GLY A 46 -11.75 -9.07 26.20
C GLY A 46 -12.63 -9.72 27.25
N GLY A 1 -14.65 -3.50 -6.28
CA GLY A 1 -13.66 -4.08 -5.40
C GLY A 1 -12.25 -3.72 -5.80
N SER A 2 -11.54 -4.66 -6.41
CA SER A 2 -10.16 -4.43 -6.84
C SER A 2 -9.73 -5.48 -7.86
N SER A 3 -9.14 -5.01 -8.96
CA SER A 3 -8.69 -5.89 -10.02
C SER A 3 -7.16 -6.02 -10.00
N GLY A 4 -6.49 -4.89 -9.95
CA GLY A 4 -5.03 -4.90 -9.93
C GLY A 4 -4.43 -4.54 -11.28
N SER A 5 -3.20 -5.00 -11.51
CA SER A 5 -2.51 -4.72 -12.77
C SER A 5 -1.56 -5.86 -13.13
N SER A 6 -1.19 -5.94 -14.40
CA SER A 6 -0.29 -6.98 -14.87
C SER A 6 1.14 -6.46 -14.97
N GLY A 7 1.28 -5.21 -15.40
CA GLY A 7 2.61 -4.61 -15.52
C GLY A 7 2.63 -3.46 -16.52
N THR A 8 1.79 -2.46 -16.28
CA THR A 8 1.72 -1.30 -17.16
C THR A 8 2.99 -0.47 -17.09
N GLY A 9 3.24 0.10 -15.91
CA GLY A 9 4.44 0.92 -15.72
C GLY A 9 4.20 2.06 -14.76
N GLU A 10 3.12 2.81 -14.97
CA GLU A 10 2.79 3.94 -14.13
C GLU A 10 2.09 3.48 -12.84
N LYS A 11 2.85 3.44 -11.74
CA LYS A 11 2.31 3.02 -10.46
C LYS A 11 1.76 1.59 -10.54
N PRO A 12 2.67 0.61 -10.70
CA PRO A 12 2.30 -0.80 -10.79
C PRO A 12 1.79 -1.35 -9.47
N CYS A 13 2.51 -1.07 -8.39
CA CYS A 13 2.13 -1.54 -7.06
C CYS A 13 1.59 -0.40 -6.22
N LYS A 14 0.40 -0.60 -5.67
CA LYS A 14 -0.23 0.42 -4.83
C LYS A 14 -0.73 -0.18 -3.52
N CYS A 15 -0.27 0.37 -2.41
CA CYS A 15 -0.67 -0.11 -1.09
C CYS A 15 -2.17 0.09 -0.87
N THR A 16 -2.75 -0.79 -0.06
CA THR A 16 -4.18 -0.73 0.23
C THR A 16 -4.43 -0.31 1.67
N GLU A 17 -3.45 -0.59 2.53
CA GLU A 17 -3.56 -0.24 3.94
C GLU A 17 -3.73 1.27 4.13
N CYS A 18 -2.90 2.04 3.42
CA CYS A 18 -2.96 3.49 3.51
C CYS A 18 -3.39 4.09 2.17
N GLY A 19 -3.02 3.43 1.09
CA GLY A 19 -3.36 3.91 -0.24
C GLY A 19 -2.23 4.66 -0.91
N LYS A 20 -1.00 4.34 -0.51
CA LYS A 20 0.18 4.99 -1.07
C LYS A 20 0.67 4.24 -2.31
N ALA A 21 1.15 4.99 -3.30
CA ALA A 21 1.66 4.40 -4.53
C ALA A 21 3.18 4.19 -4.46
N PHE A 22 3.63 3.05 -4.95
CA PHE A 22 5.05 2.73 -4.94
C PHE A 22 5.49 2.15 -6.28
N CYS A 23 6.39 2.87 -6.97
CA CYS A 23 6.88 2.43 -8.26
C CYS A 23 7.80 1.23 -8.12
N TRP A 24 8.44 1.11 -6.95
CA TRP A 24 9.35 0.01 -6.69
C TRP A 24 8.66 -1.08 -5.88
N LYS A 25 8.47 -2.24 -6.48
CA LYS A 25 7.81 -3.36 -5.82
C LYS A 25 8.56 -3.75 -4.54
N SER A 26 9.88 -3.55 -4.55
CA SER A 26 10.70 -3.87 -3.39
C SER A 26 10.40 -2.93 -2.23
N GLN A 27 10.24 -1.65 -2.55
CA GLN A 27 9.95 -0.65 -1.52
C GLN A 27 8.68 -1.01 -0.75
N LEU A 28 7.74 -1.65 -1.43
CA LEU A 28 6.48 -2.05 -0.80
C LEU A 28 6.71 -3.16 0.23
N ILE A 29 7.64 -4.06 -0.08
CA ILE A 29 7.96 -5.15 0.82
C ILE A 29 8.34 -4.64 2.21
N MET A 30 9.02 -3.49 2.24
CA MET A 30 9.44 -2.89 3.50
C MET A 30 8.37 -1.93 4.03
N HIS A 31 7.59 -1.36 3.11
CA HIS A 31 6.54 -0.43 3.48
C HIS A 31 5.51 -1.11 4.40
N GLN A 32 5.29 -2.39 4.18
CA GLN A 32 4.34 -3.15 4.99
C GLN A 32 4.79 -3.23 6.44
N ARG A 33 6.10 -3.18 6.66
CA ARG A 33 6.66 -3.24 8.00
C ARG A 33 6.12 -2.11 8.87
N THR A 34 5.79 -1.00 8.23
CA THR A 34 5.26 0.17 8.95
C THR A 34 3.84 -0.10 9.43
N HIS A 35 3.11 -0.93 8.70
CA HIS A 35 1.74 -1.26 9.06
C HIS A 35 1.71 -2.42 10.06
N VAL A 36 2.01 -2.12 11.31
CA VAL A 36 2.02 -3.14 12.36
C VAL A 36 0.61 -3.64 12.64
N ASP A 37 0.49 -4.58 13.58
CA ASP A 37 -0.79 -5.15 13.95
C ASP A 37 -0.83 -5.53 15.42
N ASP A 38 -2.01 -5.88 15.91
CA ASP A 38 -2.18 -6.26 17.31
C ASP A 38 -2.49 -7.75 17.43
N LYS A 39 -1.89 -8.39 18.43
CA LYS A 39 -2.10 -9.81 18.66
C LYS A 39 -3.49 -10.07 19.23
N HIS A 40 -4.38 -10.58 18.38
CA HIS A 40 -5.74 -10.89 18.80
C HIS A 40 -6.05 -12.38 18.61
N SER A 41 -6.33 -13.06 19.73
CA SER A 41 -6.63 -14.49 19.69
C SER A 41 -8.02 -14.72 19.10
N GLY A 42 -8.05 -15.18 17.85
CA GLY A 42 -9.32 -15.44 17.19
C GLY A 42 -9.13 -16.01 15.79
N PRO A 43 -8.71 -15.15 14.85
CA PRO A 43 -8.49 -15.56 13.46
C PRO A 43 -7.27 -16.47 13.30
N SER A 44 -6.91 -16.75 12.06
CA SER A 44 -5.76 -17.61 11.77
C SER A 44 -4.69 -16.84 11.01
N SER A 45 -4.31 -15.68 11.53
CA SER A 45 -3.30 -14.85 10.89
C SER A 45 -2.63 -13.93 11.92
N GLY A 46 -1.41 -13.50 11.61
CA GLY A 46 -0.69 -12.62 12.51
C GLY A 46 -0.12 -11.41 11.80
N GLY A 1 2.84 23.81 -12.79
CA GLY A 1 2.23 22.73 -13.55
C GLY A 1 3.23 21.68 -13.96
N SER A 2 4.11 21.30 -13.02
CA SER A 2 5.13 20.30 -13.30
C SER A 2 4.54 18.90 -13.24
N SER A 3 3.84 18.60 -12.15
CA SER A 3 3.22 17.30 -11.97
C SER A 3 2.08 17.09 -12.97
N GLY A 4 1.89 15.84 -13.38
CA GLY A 4 0.83 15.53 -14.33
C GLY A 4 1.36 15.33 -15.73
N SER A 5 2.55 15.84 -15.99
CA SER A 5 3.16 15.72 -17.32
C SER A 5 4.45 14.89 -17.24
N SER A 6 4.51 13.99 -16.27
CA SER A 6 5.68 13.14 -16.09
C SER A 6 5.36 11.95 -15.19
N GLY A 7 6.23 10.94 -15.21
CA GLY A 7 6.01 9.75 -14.40
C GLY A 7 6.15 8.48 -15.20
N THR A 8 7.22 7.74 -14.94
CA THR A 8 7.47 6.48 -15.65
C THR A 8 6.95 5.29 -14.85
N GLY A 9 5.90 4.66 -15.35
CA GLY A 9 5.32 3.52 -14.68
C GLY A 9 3.81 3.58 -14.62
N GLU A 10 3.16 2.42 -14.74
CA GLU A 10 1.71 2.34 -14.71
C GLU A 10 1.22 1.96 -13.32
N LYS A 11 1.98 2.35 -12.30
CA LYS A 11 1.62 2.05 -10.92
C LYS A 11 1.37 0.55 -10.74
N PRO A 12 2.46 -0.23 -10.75
CA PRO A 12 2.39 -1.68 -10.58
C PRO A 12 2.00 -2.08 -9.17
N CYS A 13 2.51 -1.35 -8.19
CA CYS A 13 2.21 -1.64 -6.78
C CYS A 13 1.54 -0.44 -6.12
N LYS A 14 0.49 -0.71 -5.35
CA LYS A 14 -0.23 0.35 -4.66
C LYS A 14 -0.77 -0.15 -3.32
N CYS A 15 -0.36 0.50 -2.24
CA CYS A 15 -0.79 0.12 -0.90
C CYS A 15 -2.27 0.46 -0.69
N THR A 16 -3.00 -0.43 -0.05
CA THR A 16 -4.42 -0.22 0.20
C THR A 16 -4.66 0.24 1.64
N GLU A 17 -3.73 -0.11 2.53
CA GLU A 17 -3.84 0.27 3.93
C GLU A 17 -3.88 1.79 4.08
N CYS A 18 -3.07 2.48 3.27
CA CYS A 18 -3.02 3.94 3.32
C CYS A 18 -3.43 4.54 1.98
N GLY A 19 -3.13 3.82 0.90
CA GLY A 19 -3.46 4.29 -0.43
C GLY A 19 -2.25 4.73 -1.22
N LYS A 20 -1.18 5.06 -0.52
CA LYS A 20 0.06 5.49 -1.16
C LYS A 20 0.51 4.48 -2.22
N ALA A 21 0.89 4.99 -3.39
CA ALA A 21 1.34 4.14 -4.48
C ALA A 21 2.86 3.99 -4.48
N PHE A 22 3.36 2.98 -5.17
CA PHE A 22 4.79 2.75 -5.25
C PHE A 22 5.17 2.08 -6.57
N CYS A 23 6.11 2.69 -7.29
CA CYS A 23 6.55 2.15 -8.57
C CYS A 23 7.51 0.99 -8.37
N TRP A 24 8.27 1.03 -7.28
CA TRP A 24 9.23 -0.03 -6.97
C TRP A 24 8.58 -1.12 -6.14
N LYS A 25 9.15 -2.32 -6.20
CA LYS A 25 8.63 -3.46 -5.44
C LYS A 25 9.22 -3.49 -4.04
N SER A 26 10.54 -3.40 -3.95
CA SER A 26 11.23 -3.42 -2.68
C SER A 26 10.70 -2.33 -1.75
N GLN A 27 10.27 -1.22 -2.34
CA GLN A 27 9.73 -0.11 -1.57
C GLN A 27 8.48 -0.51 -0.81
N LEU A 28 7.74 -1.46 -1.38
CA LEU A 28 6.51 -1.94 -0.75
C LEU A 28 6.82 -3.05 0.26
N ILE A 29 7.77 -3.91 -0.08
CA ILE A 29 8.16 -5.00 0.80
C ILE A 29 8.48 -4.50 2.20
N MET A 30 9.07 -3.31 2.27
CA MET A 30 9.43 -2.71 3.56
C MET A 30 8.30 -1.83 4.08
N HIS A 31 7.54 -1.25 3.16
CA HIS A 31 6.42 -0.38 3.54
C HIS A 31 5.40 -1.15 4.37
N GLN A 32 5.24 -2.44 4.07
CA GLN A 32 4.28 -3.28 4.78
C GLN A 32 4.81 -3.64 6.17
N ARG A 33 6.14 -3.65 6.30
CA ARG A 33 6.77 -3.98 7.58
C ARG A 33 6.20 -3.12 8.71
N THR A 34 6.20 -1.81 8.50
CA THR A 34 5.69 -0.88 9.49
C THR A 34 4.17 -1.01 9.65
N HIS A 35 3.52 -1.49 8.60
CA HIS A 35 2.07 -1.66 8.61
C HIS A 35 1.69 -2.89 9.44
N VAL A 36 1.97 -4.07 8.91
CA VAL A 36 1.65 -5.32 9.61
C VAL A 36 2.71 -5.65 10.65
N ASP A 37 2.26 -6.09 11.82
CA ASP A 37 3.19 -6.45 12.90
C ASP A 37 3.07 -7.93 13.23
N ASP A 38 4.16 -8.52 13.71
CA ASP A 38 4.19 -9.93 14.07
C ASP A 38 4.05 -10.11 15.59
N LYS A 39 2.84 -9.93 16.09
CA LYS A 39 2.58 -10.06 17.52
C LYS A 39 1.44 -11.03 17.77
N HIS A 40 1.12 -11.26 19.05
CA HIS A 40 0.04 -12.16 19.42
C HIS A 40 0.23 -13.53 18.77
N SER A 41 1.49 -13.92 18.58
CA SER A 41 1.81 -15.20 17.96
C SER A 41 2.12 -16.25 19.03
N GLY A 42 1.79 -17.51 18.72
CA GLY A 42 2.05 -18.58 19.66
C GLY A 42 3.41 -19.22 19.45
N PRO A 43 3.71 -20.26 20.25
CA PRO A 43 4.98 -20.98 20.18
C PRO A 43 5.11 -21.80 18.89
N SER A 44 5.78 -21.23 17.89
CA SER A 44 5.97 -21.90 16.61
C SER A 44 6.96 -23.05 16.75
N SER A 45 6.44 -24.28 16.71
CA SER A 45 7.28 -25.46 16.83
C SER A 45 8.41 -25.44 15.81
N GLY A 46 9.64 -25.37 16.29
CA GLY A 46 10.79 -25.33 15.41
C GLY A 46 11.86 -24.38 15.88
N GLY A 1 16.78 8.59 -30.91
CA GLY A 1 15.63 8.30 -31.74
C GLY A 1 14.32 8.59 -31.03
N SER A 2 13.25 8.79 -31.81
CA SER A 2 11.94 9.09 -31.25
C SER A 2 10.96 7.94 -31.52
N SER A 3 10.05 7.73 -30.59
CA SER A 3 9.06 6.67 -30.72
C SER A 3 7.84 6.94 -29.84
N GLY A 4 6.68 7.05 -30.47
CA GLY A 4 5.46 7.31 -29.72
C GLY A 4 4.96 6.10 -28.98
N SER A 5 4.78 6.24 -27.67
CA SER A 5 4.31 5.13 -26.84
C SER A 5 3.81 5.64 -25.49
N SER A 6 2.88 4.90 -24.90
CA SER A 6 2.32 5.28 -23.61
C SER A 6 3.33 5.07 -22.49
N GLY A 7 3.73 6.16 -21.85
CA GLY A 7 4.69 6.08 -20.76
C GLY A 7 4.72 7.32 -19.90
N THR A 8 3.53 7.75 -19.47
CA THR A 8 3.42 8.94 -18.63
C THR A 8 2.97 8.58 -17.21
N GLY A 9 3.40 7.42 -16.75
CA GLY A 9 3.04 6.98 -15.41
C GLY A 9 2.94 5.47 -15.31
N GLU A 10 3.19 4.94 -14.11
CA GLU A 10 3.12 3.51 -13.89
C GLU A 10 2.94 3.19 -12.40
N LYS A 11 1.92 2.40 -12.10
CA LYS A 11 1.62 2.03 -10.71
C LYS A 11 1.42 0.52 -10.59
N PRO A 12 2.50 -0.25 -10.71
CA PRO A 12 2.46 -1.71 -10.62
C PRO A 12 2.16 -2.19 -9.21
N CYS A 13 2.49 -1.36 -8.22
CA CYS A 13 2.26 -1.70 -6.83
C CYS A 13 1.69 -0.51 -6.06
N LYS A 14 0.47 -0.68 -5.54
CA LYS A 14 -0.20 0.37 -4.80
C LYS A 14 -0.69 -0.15 -3.45
N CYS A 15 -0.27 0.51 -2.38
CA CYS A 15 -0.67 0.11 -1.03
C CYS A 15 -2.15 0.41 -0.80
N THR A 16 -2.82 -0.47 -0.06
CA THR A 16 -4.24 -0.30 0.24
C THR A 16 -4.45 0.15 1.68
N GLU A 17 -3.49 -0.20 2.54
CA GLU A 17 -3.58 0.17 3.96
C GLU A 17 -3.65 1.68 4.12
N CYS A 18 -2.88 2.40 3.31
CA CYS A 18 -2.85 3.86 3.37
C CYS A 18 -3.34 4.46 2.05
N GLY A 19 -3.08 3.77 0.95
CA GLY A 19 -3.49 4.25 -0.35
C GLY A 19 -2.33 4.69 -1.21
N LYS A 20 -1.24 5.09 -0.56
CA LYS A 20 -0.04 5.54 -1.27
C LYS A 20 0.40 4.50 -2.30
N ALA A 21 0.92 4.97 -3.43
CA ALA A 21 1.39 4.08 -4.48
C ALA A 21 2.91 4.05 -4.53
N PHE A 22 3.45 2.88 -4.87
CA PHE A 22 4.91 2.71 -4.95
C PHE A 22 5.30 2.03 -6.27
N CYS A 23 6.06 2.75 -7.09
CA CYS A 23 6.49 2.21 -8.38
C CYS A 23 7.45 1.04 -8.17
N TRP A 24 8.22 1.10 -7.10
CA TRP A 24 9.18 0.03 -6.79
C TRP A 24 8.56 -1.03 -5.89
N LYS A 25 8.51 -2.26 -6.38
CA LYS A 25 7.95 -3.37 -5.62
C LYS A 25 8.74 -3.63 -4.35
N SER A 26 10.05 -3.37 -4.41
CA SER A 26 10.93 -3.58 -3.27
C SER A 26 10.60 -2.61 -2.15
N GLN A 27 10.36 -1.35 -2.51
CA GLN A 27 10.02 -0.32 -1.54
C GLN A 27 8.76 -0.69 -0.75
N LEU A 28 7.87 -1.41 -1.40
CA LEU A 28 6.62 -1.83 -0.77
C LEU A 28 6.88 -2.91 0.28
N ILE A 29 7.86 -3.76 0.02
CA ILE A 29 8.22 -4.83 0.94
C ILE A 29 8.44 -4.30 2.34
N MET A 30 9.25 -3.24 2.45
CA MET A 30 9.55 -2.63 3.73
C MET A 30 8.40 -1.74 4.19
N HIS A 31 7.64 -1.22 3.23
CA HIS A 31 6.51 -0.35 3.55
C HIS A 31 5.44 -1.11 4.32
N GLN A 32 5.38 -2.42 4.10
CA GLN A 32 4.39 -3.26 4.78
C GLN A 32 4.84 -3.58 6.20
N ARG A 33 6.15 -3.56 6.43
CA ARG A 33 6.70 -3.84 7.74
C ARG A 33 6.04 -2.98 8.82
N THR A 34 5.97 -1.67 8.56
CA THR A 34 5.36 -0.74 9.49
C THR A 34 3.85 -0.94 9.57
N HIS A 35 3.27 -1.48 8.51
CA HIS A 35 1.84 -1.74 8.45
C HIS A 35 1.47 -2.97 9.27
N VAL A 36 1.58 -2.85 10.59
CA VAL A 36 1.26 -3.96 11.49
C VAL A 36 0.10 -3.61 12.40
N ASP A 37 -0.36 -4.59 13.17
CA ASP A 37 -1.47 -4.39 14.09
C ASP A 37 -2.75 -4.02 13.34
N ASP A 38 -2.86 -4.51 12.11
CA ASP A 38 -4.03 -4.24 11.27
C ASP A 38 -5.27 -4.88 11.86
N LYS A 39 -5.12 -6.10 12.37
CA LYS A 39 -6.24 -6.83 12.96
C LYS A 39 -6.51 -6.36 14.39
N HIS A 40 -7.32 -5.32 14.52
CA HIS A 40 -7.67 -4.78 15.82
C HIS A 40 -9.12 -5.06 16.17
N SER A 41 -9.35 -5.50 17.40
CA SER A 41 -10.70 -5.82 17.87
C SER A 41 -11.21 -4.76 18.84
N GLY A 42 -12.52 -4.57 18.87
CA GLY A 42 -13.11 -3.58 19.76
C GLY A 42 -14.62 -3.49 19.61
N PRO A 43 -15.06 -2.87 18.51
CA PRO A 43 -16.49 -2.70 18.24
C PRO A 43 -17.18 -4.02 17.88
N SER A 44 -16.38 -4.99 17.43
CA SER A 44 -16.92 -6.30 17.07
C SER A 44 -16.76 -7.29 18.22
N SER A 45 -17.58 -8.33 18.21
CA SER A 45 -17.53 -9.35 19.24
C SER A 45 -16.59 -10.48 18.85
N GLY A 46 -15.29 -10.24 19.00
CA GLY A 46 -14.30 -11.24 18.66
C GLY A 46 -14.32 -12.43 19.61
N GLY A 1 -5.37 10.93 -5.84
CA GLY A 1 -6.09 11.90 -6.65
C GLY A 1 -5.25 12.47 -7.78
N SER A 2 -4.08 13.00 -7.43
CA SER A 2 -3.19 13.57 -8.42
C SER A 2 -1.96 12.70 -8.62
N SER A 3 -2.05 11.74 -9.53
CA SER A 3 -0.95 10.83 -9.81
C SER A 3 -0.16 11.29 -11.03
N GLY A 4 0.98 11.92 -10.80
CA GLY A 4 1.80 12.41 -11.90
C GLY A 4 2.26 11.28 -12.81
N SER A 5 2.63 11.64 -14.03
CA SER A 5 3.09 10.65 -15.01
C SER A 5 4.39 11.10 -15.66
N SER A 6 5.35 11.50 -14.83
CA SER A 6 6.65 11.95 -15.32
C SER A 6 7.53 10.76 -15.69
N GLY A 7 8.14 10.83 -16.87
CA GLY A 7 9.01 9.76 -17.32
C GLY A 7 8.24 8.56 -17.84
N THR A 8 8.36 7.43 -17.15
CA THR A 8 7.67 6.21 -17.55
C THR A 8 6.22 6.21 -17.05
N GLY A 9 6.03 6.61 -15.80
CA GLY A 9 4.69 6.65 -15.23
C GLY A 9 4.04 5.28 -15.19
N GLU A 10 4.42 4.48 -14.20
CA GLU A 10 3.86 3.14 -14.06
C GLU A 10 3.45 2.87 -12.61
N LYS A 11 2.27 2.30 -12.42
CA LYS A 11 1.76 1.98 -11.09
C LYS A 11 1.59 0.47 -10.92
N PRO A 12 2.71 -0.26 -10.85
CA PRO A 12 2.70 -1.71 -10.68
C PRO A 12 2.23 -2.13 -9.29
N CYS A 13 2.70 -1.42 -8.28
CA CYS A 13 2.33 -1.72 -6.90
C CYS A 13 1.57 -0.55 -6.28
N LYS A 14 0.59 -0.88 -5.44
CA LYS A 14 -0.22 0.14 -4.78
C LYS A 14 -0.70 -0.34 -3.42
N CYS A 15 -0.43 0.45 -2.39
CA CYS A 15 -0.83 0.10 -1.02
C CYS A 15 -2.27 0.54 -0.75
N THR A 16 -3.08 -0.39 -0.25
CA THR A 16 -4.47 -0.09 0.05
C THR A 16 -4.66 0.24 1.53
N GLU A 17 -3.75 -0.25 2.37
CA GLU A 17 -3.82 0.00 3.80
C GLU A 17 -3.85 1.50 4.09
N CYS A 18 -3.04 2.26 3.36
CA CYS A 18 -2.97 3.70 3.54
C CYS A 18 -3.39 4.42 2.25
N GLY A 19 -3.13 3.80 1.11
CA GLY A 19 -3.48 4.40 -0.16
C GLY A 19 -2.30 5.06 -0.84
N LYS A 20 -1.10 4.59 -0.53
CA LYS A 20 0.11 5.15 -1.11
C LYS A 20 0.47 4.44 -2.41
N ALA A 21 1.14 5.15 -3.31
CA ALA A 21 1.53 4.59 -4.60
C ALA A 21 3.05 4.43 -4.68
N PHE A 22 3.50 3.20 -4.93
CA PHE A 22 4.93 2.92 -5.04
C PHE A 22 5.26 2.27 -6.38
N CYS A 23 6.03 2.98 -7.19
CA CYS A 23 6.42 2.49 -8.50
C CYS A 23 7.34 1.27 -8.37
N TRP A 24 8.05 1.18 -7.26
CA TRP A 24 8.96 0.07 -7.01
C TRP A 24 8.26 -1.04 -6.23
N LYS A 25 8.74 -2.27 -6.39
CA LYS A 25 8.16 -3.41 -5.71
C LYS A 25 8.84 -3.63 -4.35
N SER A 26 10.17 -3.63 -4.35
CA SER A 26 10.93 -3.82 -3.13
C SER A 26 10.56 -2.78 -2.08
N GLN A 27 10.32 -1.55 -2.53
CA GLN A 27 9.95 -0.46 -1.64
C GLN A 27 8.73 -0.82 -0.80
N LEU A 28 7.86 -1.65 -1.38
CA LEU A 28 6.64 -2.07 -0.69
C LEU A 28 6.96 -3.14 0.36
N ILE A 29 7.92 -4.00 0.04
CA ILE A 29 8.31 -5.07 0.96
C ILE A 29 8.62 -4.51 2.34
N MET A 30 9.19 -3.31 2.38
CA MET A 30 9.54 -2.67 3.64
C MET A 30 8.39 -1.80 4.15
N HIS A 31 7.64 -1.21 3.22
CA HIS A 31 6.52 -0.36 3.57
C HIS A 31 5.47 -1.14 4.38
N GLN A 32 5.44 -2.45 4.16
CA GLN A 32 4.49 -3.31 4.86
C GLN A 32 4.90 -3.51 6.31
N ARG A 33 6.20 -3.39 6.58
CA ARG A 33 6.74 -3.55 7.92
C ARG A 33 5.99 -2.67 8.91
N THR A 34 6.00 -1.36 8.66
CA THR A 34 5.33 -0.41 9.53
C THR A 34 3.85 -0.75 9.68
N HIS A 35 3.30 -1.42 8.67
CA HIS A 35 1.89 -1.81 8.69
C HIS A 35 1.68 -3.07 9.53
N VAL A 36 1.81 -2.93 10.84
CA VAL A 36 1.63 -4.06 11.74
C VAL A 36 0.19 -4.16 12.22
N ASP A 37 -0.48 -5.25 11.85
CA ASP A 37 -1.87 -5.46 12.24
C ASP A 37 -1.97 -6.57 13.28
N ASP A 38 -1.71 -6.23 14.53
CA ASP A 38 -1.77 -7.20 15.63
C ASP A 38 -3.21 -7.55 15.95
N LYS A 39 -3.39 -8.57 16.79
CA LYS A 39 -4.73 -9.01 17.18
C LYS A 39 -5.00 -8.67 18.65
N HIS A 40 -4.78 -7.40 19.00
CA HIS A 40 -5.00 -6.94 20.37
C HIS A 40 -6.18 -5.98 20.44
N SER A 41 -7.37 -6.53 20.69
CA SER A 41 -8.57 -5.72 20.78
C SER A 41 -9.06 -5.62 22.22
N GLY A 42 -8.86 -4.45 22.82
CA GLY A 42 -9.29 -4.24 24.19
C GLY A 42 -10.61 -3.50 24.29
N PRO A 43 -11.09 -3.31 25.53
CA PRO A 43 -12.35 -2.61 25.78
C PRO A 43 -12.28 -1.12 25.46
N SER A 44 -13.13 -0.65 24.55
CA SER A 44 -13.14 0.74 24.16
C SER A 44 -14.42 1.08 23.40
N SER A 45 -14.85 2.33 23.50
CA SER A 45 -16.06 2.77 22.82
C SER A 45 -15.74 3.78 21.73
N GLY A 46 -16.74 4.16 20.95
CA GLY A 46 -16.54 5.12 19.88
C GLY A 46 -17.61 5.03 18.81
N GLY A 1 -10.69 12.10 -25.12
CA GLY A 1 -10.39 11.14 -24.07
C GLY A 1 -10.72 11.68 -22.69
N SER A 2 -11.20 10.81 -21.81
CA SER A 2 -11.54 11.20 -20.45
C SER A 2 -10.47 10.76 -19.46
N SER A 3 -9.97 9.54 -19.64
CA SER A 3 -8.94 9.00 -18.77
C SER A 3 -7.56 9.13 -19.41
N GLY A 4 -6.54 9.27 -18.57
CA GLY A 4 -5.18 9.41 -19.07
C GLY A 4 -4.76 10.85 -19.22
N SER A 5 -4.65 11.56 -18.09
CA SER A 5 -4.26 12.96 -18.10
C SER A 5 -3.00 13.17 -17.26
N SER A 6 -3.00 12.63 -16.06
CA SER A 6 -1.86 12.77 -15.15
C SER A 6 -0.68 11.93 -15.65
N GLY A 7 -0.91 10.65 -15.87
CA GLY A 7 0.14 9.77 -16.35
C GLY A 7 -0.38 8.73 -17.33
N THR A 8 0.46 7.74 -17.63
CA THR A 8 0.09 6.69 -18.56
C THR A 8 -0.29 5.41 -17.83
N GLY A 9 0.46 5.10 -16.78
CA GLY A 9 0.19 3.89 -16.00
C GLY A 9 1.45 3.30 -15.40
N GLU A 10 2.02 4.00 -14.42
CA GLU A 10 3.23 3.53 -13.75
C GLU A 10 2.96 3.22 -12.29
N LYS A 11 1.85 2.53 -12.02
CA LYS A 11 1.48 2.16 -10.67
C LYS A 11 1.27 0.65 -10.55
N PRO A 12 2.37 -0.11 -10.62
CA PRO A 12 2.32 -1.57 -10.52
C PRO A 12 1.95 -2.05 -9.11
N CYS A 13 2.37 -1.29 -8.11
CA CYS A 13 2.08 -1.64 -6.72
C CYS A 13 1.45 -0.46 -5.99
N LYS A 14 0.24 -0.67 -5.46
CA LYS A 14 -0.47 0.37 -4.73
C LYS A 14 -0.96 -0.14 -3.39
N CYS A 15 -0.48 0.47 -2.31
CA CYS A 15 -0.88 0.07 -0.97
C CYS A 15 -2.28 0.57 -0.64
N THR A 16 -3.13 -0.35 -0.17
CA THR A 16 -4.51 -0.01 0.16
C THR A 16 -4.63 0.38 1.64
N GLU A 17 -3.71 -0.12 2.45
CA GLU A 17 -3.72 0.17 3.88
C GLU A 17 -3.75 1.68 4.12
N CYS A 18 -2.96 2.41 3.34
CA CYS A 18 -2.89 3.87 3.48
C CYS A 18 -3.35 4.54 2.19
N GLY A 19 -3.11 3.88 1.06
CA GLY A 19 -3.50 4.44 -0.22
C GLY A 19 -2.34 5.08 -0.95
N LYS A 20 -1.13 4.68 -0.60
CA LYS A 20 0.08 5.22 -1.23
C LYS A 20 0.47 4.38 -2.44
N ALA A 21 0.99 5.06 -3.46
CA ALA A 21 1.42 4.38 -4.68
C ALA A 21 2.93 4.15 -4.69
N PHE A 22 3.34 2.99 -5.18
CA PHE A 22 4.76 2.64 -5.24
C PHE A 22 5.11 2.01 -6.58
N CYS A 23 6.10 2.58 -7.25
CA CYS A 23 6.54 2.08 -8.55
C CYS A 23 7.54 0.94 -8.38
N TRP A 24 8.27 0.95 -7.27
CA TRP A 24 9.26 -0.07 -7.00
C TRP A 24 8.68 -1.16 -6.10
N LYS A 25 9.19 -2.38 -6.25
CA LYS A 25 8.72 -3.50 -5.45
C LYS A 25 9.38 -3.50 -4.07
N SER A 26 10.70 -3.37 -4.06
CA SER A 26 11.45 -3.35 -2.80
C SER A 26 10.94 -2.26 -1.88
N GLN A 27 10.37 -1.21 -2.47
CA GLN A 27 9.83 -0.09 -1.69
C GLN A 27 8.56 -0.50 -0.96
N LEU A 28 7.84 -1.48 -1.52
CA LEU A 28 6.61 -1.95 -0.91
C LEU A 28 6.89 -2.99 0.16
N ILE A 29 7.96 -3.77 -0.04
CA ILE A 29 8.34 -4.80 0.91
C ILE A 29 8.43 -4.24 2.33
N MET A 30 9.33 -3.27 2.52
CA MET A 30 9.52 -2.65 3.82
C MET A 30 8.28 -1.87 4.23
N HIS A 31 7.51 -1.42 3.24
CA HIS A 31 6.30 -0.65 3.50
C HIS A 31 5.31 -1.47 4.33
N GLN A 32 5.25 -2.77 4.07
CA GLN A 32 4.35 -3.66 4.79
C GLN A 32 4.81 -3.85 6.23
N ARG A 33 6.12 -3.69 6.46
CA ARG A 33 6.69 -3.84 7.80
C ARG A 33 6.02 -2.89 8.79
N THR A 34 6.07 -1.60 8.48
CA THR A 34 5.48 -0.59 9.35
C THR A 34 3.97 -0.83 9.51
N HIS A 35 3.37 -1.49 8.53
CA HIS A 35 1.95 -1.78 8.57
C HIS A 35 1.66 -3.01 9.43
N VAL A 36 1.64 -2.82 10.74
CA VAL A 36 1.39 -3.92 11.66
C VAL A 36 -0.11 -4.14 11.85
N ASP A 37 -0.48 -5.37 12.20
CA ASP A 37 -1.89 -5.71 12.42
C ASP A 37 -2.33 -5.35 13.83
N ASP A 38 -3.51 -4.75 13.93
CA ASP A 38 -4.05 -4.35 15.23
C ASP A 38 -5.16 -5.30 15.66
N LYS A 39 -5.59 -5.16 16.92
CA LYS A 39 -6.64 -6.00 17.46
C LYS A 39 -8.00 -5.62 16.87
N HIS A 40 -8.64 -6.59 16.21
CA HIS A 40 -9.94 -6.36 15.59
C HIS A 40 -10.61 -7.68 15.23
N SER A 41 -11.84 -7.87 15.71
CA SER A 41 -12.59 -9.09 15.44
C SER A 41 -13.32 -9.00 14.10
N GLY A 42 -13.58 -10.14 13.48
CA GLY A 42 -14.28 -10.16 12.22
C GLY A 42 -13.54 -9.41 11.14
N PRO A 43 -12.45 -10.00 10.63
CA PRO A 43 -11.63 -9.39 9.58
C PRO A 43 -12.35 -9.34 8.23
N SER A 44 -13.36 -10.18 8.07
CA SER A 44 -14.13 -10.25 6.84
C SER A 44 -14.82 -8.92 6.57
N SER A 45 -14.69 -8.42 5.34
CA SER A 45 -15.30 -7.16 4.96
C SER A 45 -16.62 -7.38 4.21
N GLY A 46 -16.66 -8.47 3.43
CA GLY A 46 -17.85 -8.79 2.67
C GLY A 46 -18.29 -10.23 2.84
N GLY A 1 -4.28 18.83 -8.53
CA GLY A 1 -4.01 17.78 -7.57
C GLY A 1 -3.05 16.75 -8.11
N SER A 2 -3.56 15.80 -8.90
CA SER A 2 -2.73 14.75 -9.47
C SER A 2 -2.50 15.00 -10.96
N SER A 3 -1.25 14.83 -11.38
CA SER A 3 -0.89 15.04 -12.78
C SER A 3 -1.60 14.03 -13.68
N GLY A 4 -2.03 14.50 -14.85
CA GLY A 4 -2.72 13.62 -15.78
C GLY A 4 -1.87 13.29 -17.00
N SER A 5 -0.85 12.47 -16.79
CA SER A 5 0.04 12.07 -17.88
C SER A 5 0.58 10.66 -17.65
N SER A 6 0.92 9.99 -18.75
CA SER A 6 1.44 8.63 -18.69
C SER A 6 2.78 8.52 -19.41
N GLY A 7 3.86 8.84 -18.71
CA GLY A 7 5.18 8.76 -19.30
C GLY A 7 5.78 7.38 -19.21
N THR A 8 6.92 7.27 -18.53
CA THR A 8 7.60 6.00 -18.37
C THR A 8 7.25 5.34 -17.04
N GLY A 9 6.97 6.16 -16.04
CA GLY A 9 6.61 5.65 -14.73
C GLY A 9 5.46 4.67 -14.79
N GLU A 10 5.30 3.89 -13.72
CA GLU A 10 4.22 2.90 -13.66
C GLU A 10 3.89 2.57 -12.20
N LYS A 11 2.68 2.06 -11.99
CA LYS A 11 2.23 1.69 -10.65
C LYS A 11 1.97 0.19 -10.56
N PRO A 12 3.05 -0.60 -10.54
CA PRO A 12 2.95 -2.07 -10.45
C PRO A 12 2.46 -2.54 -9.09
N CYS A 13 2.59 -1.66 -8.09
CA CYS A 13 2.16 -1.99 -6.73
C CYS A 13 1.53 -0.78 -6.06
N LYS A 14 0.37 -0.98 -5.44
CA LYS A 14 -0.33 0.09 -4.75
C LYS A 14 -0.82 -0.37 -3.38
N CYS A 15 -0.46 0.39 -2.34
CA CYS A 15 -0.86 0.05 -0.98
C CYS A 15 -2.31 0.49 -0.72
N THR A 16 -3.08 -0.40 -0.11
CA THR A 16 -4.48 -0.10 0.21
C THR A 16 -4.64 0.33 1.66
N GLU A 17 -3.75 -0.15 2.52
CA GLU A 17 -3.79 0.19 3.93
C GLU A 17 -3.77 1.71 4.14
N CYS A 18 -3.07 2.40 3.23
CA CYS A 18 -2.97 3.85 3.31
C CYS A 18 -3.40 4.50 1.99
N GLY A 19 -3.04 3.87 0.88
CA GLY A 19 -3.39 4.38 -0.42
C GLY A 19 -2.18 4.86 -1.19
N LYS A 20 -1.09 5.13 -0.50
CA LYS A 20 0.13 5.60 -1.12
C LYS A 20 0.56 4.68 -2.25
N ALA A 21 0.94 5.26 -3.38
CA ALA A 21 1.37 4.48 -4.54
C ALA A 21 2.89 4.34 -4.57
N PHE A 22 3.36 3.18 -5.03
CA PHE A 22 4.78 2.92 -5.11
C PHE A 22 5.16 2.35 -6.48
N CYS A 23 6.14 2.98 -7.12
CA CYS A 23 6.59 2.55 -8.45
C CYS A 23 7.49 1.33 -8.33
N TRP A 24 8.22 1.23 -7.23
CA TRP A 24 9.13 0.11 -7.00
C TRP A 24 8.46 -0.97 -6.14
N LYS A 25 8.90 -2.21 -6.31
CA LYS A 25 8.34 -3.33 -5.56
C LYS A 25 8.99 -3.42 -4.18
N SER A 26 10.32 -3.37 -4.14
CA SER A 26 11.05 -3.45 -2.88
C SER A 26 10.55 -2.40 -1.90
N GLN A 27 10.22 -1.23 -2.40
CA GLN A 27 9.72 -0.14 -1.56
C GLN A 27 8.46 -0.56 -0.82
N LEU A 28 7.70 -1.46 -1.43
CA LEU A 28 6.46 -1.94 -0.83
C LEU A 28 6.73 -3.07 0.16
N ILE A 29 7.72 -3.91 -0.16
CA ILE A 29 8.09 -5.02 0.70
C ILE A 29 8.35 -4.55 2.12
N MET A 30 9.08 -3.45 2.26
CA MET A 30 9.41 -2.89 3.56
C MET A 30 8.26 -2.02 4.08
N HIS A 31 7.55 -1.37 3.15
CA HIS A 31 6.44 -0.51 3.52
C HIS A 31 5.38 -1.28 4.30
N GLN A 32 5.32 -2.59 4.08
CA GLN A 32 4.36 -3.44 4.77
C GLN A 32 4.81 -3.73 6.20
N ARG A 33 6.12 -3.69 6.42
CA ARG A 33 6.68 -3.95 7.74
C ARG A 33 6.08 -3.00 8.78
N THR A 34 6.26 -1.70 8.57
CA THR A 34 5.74 -0.70 9.49
C THR A 34 4.24 -0.86 9.68
N HIS A 35 3.56 -1.41 8.67
CA HIS A 35 2.13 -1.62 8.72
C HIS A 35 1.78 -2.79 9.64
N VAL A 36 1.79 -2.53 10.94
CA VAL A 36 1.49 -3.55 11.94
C VAL A 36 0.00 -3.56 12.27
N ASP A 37 -0.53 -4.75 12.55
CA ASP A 37 -1.94 -4.89 12.89
C ASP A 37 -2.32 -3.98 14.06
N ASP A 38 -3.58 -3.60 14.13
CA ASP A 38 -4.07 -2.74 15.19
C ASP A 38 -4.10 -3.47 16.52
N LYS A 39 -3.27 -3.02 17.45
CA LYS A 39 -3.19 -3.63 18.78
C LYS A 39 -3.92 -2.78 19.82
N HIS A 40 -5.24 -2.88 19.82
CA HIS A 40 -6.05 -2.12 20.77
C HIS A 40 -5.69 -2.47 22.21
N SER A 41 -5.99 -1.56 23.13
CA SER A 41 -5.69 -1.77 24.54
C SER A 41 -6.96 -1.86 25.37
N GLY A 42 -7.84 -0.87 25.20
CA GLY A 42 -9.09 -0.85 25.92
C GLY A 42 -9.90 -2.12 25.73
N PRO A 43 -10.51 -2.28 24.55
CA PRO A 43 -11.31 -3.45 24.21
C PRO A 43 -10.47 -4.71 24.05
N SER A 44 -10.53 -5.58 25.05
CA SER A 44 -9.76 -6.83 25.03
C SER A 44 -10.37 -7.81 24.04
N SER A 45 -9.90 -7.75 22.79
CA SER A 45 -10.41 -8.64 21.74
C SER A 45 -9.43 -9.78 21.49
N GLY A 46 -9.30 -10.67 22.47
CA GLY A 46 -8.39 -11.80 22.33
C GLY A 46 -7.92 -12.32 23.67
N GLY A 1 -4.60 19.15 -15.97
CA GLY A 1 -4.93 18.07 -16.89
C GLY A 1 -5.35 16.80 -16.17
N SER A 2 -5.38 15.69 -16.89
CA SER A 2 -5.77 14.41 -16.31
C SER A 2 -4.99 13.27 -16.95
N SER A 3 -4.83 12.18 -16.20
CA SER A 3 -4.09 11.02 -16.69
C SER A 3 -4.62 9.73 -16.06
N GLY A 4 -4.74 8.69 -16.87
CA GLY A 4 -5.23 7.42 -16.37
C GLY A 4 -4.13 6.53 -15.86
N SER A 5 -4.44 5.26 -15.61
CA SER A 5 -3.47 4.31 -15.10
C SER A 5 -3.37 3.10 -16.02
N SER A 6 -3.48 3.34 -17.32
CA SER A 6 -3.41 2.28 -18.33
C SER A 6 -2.07 1.54 -18.22
N GLY A 7 -2.13 0.24 -17.96
CA GLY A 7 -0.93 -0.56 -17.85
C GLY A 7 -0.30 -0.46 -16.48
N THR A 8 0.40 -1.51 -16.07
CA THR A 8 1.06 -1.53 -14.77
C THR A 8 2.57 -1.35 -14.91
N GLY A 9 2.97 -0.43 -15.77
CA GLY A 9 4.38 -0.17 -15.98
C GLY A 9 4.89 0.99 -15.15
N GLU A 10 3.98 1.87 -14.75
CA GLU A 10 4.35 3.03 -13.94
C GLU A 10 4.06 2.79 -12.47
N LYS A 11 2.83 2.39 -12.17
CA LYS A 11 2.41 2.12 -10.81
C LYS A 11 1.88 0.70 -10.67
N PRO A 12 2.78 -0.29 -10.73
CA PRO A 12 2.42 -1.71 -10.61
C PRO A 12 1.97 -2.08 -9.20
N CYS A 13 2.53 -1.39 -8.21
CA CYS A 13 2.18 -1.65 -6.82
C CYS A 13 1.59 -0.40 -6.17
N LYS A 14 0.52 -0.60 -5.39
CA LYS A 14 -0.14 0.51 -4.71
C LYS A 14 -0.75 0.05 -3.39
N CYS A 15 -0.14 0.47 -2.28
CA CYS A 15 -0.62 0.09 -0.95
C CYS A 15 -2.07 0.53 -0.76
N THR A 16 -2.92 -0.40 -0.33
CA THR A 16 -4.33 -0.12 -0.11
C THR A 16 -4.59 0.21 1.35
N GLU A 17 -3.77 -0.34 2.24
CA GLU A 17 -3.92 -0.09 3.67
C GLU A 17 -3.96 1.40 3.97
N CYS A 18 -3.10 2.16 3.28
CA CYS A 18 -3.03 3.60 3.47
C CYS A 18 -3.42 4.34 2.20
N GLY A 19 -3.18 3.70 1.05
CA GLY A 19 -3.51 4.32 -0.22
C GLY A 19 -2.33 5.02 -0.86
N LYS A 20 -1.13 4.57 -0.51
CA LYS A 20 0.10 5.16 -1.06
C LYS A 20 0.50 4.46 -2.35
N ALA A 21 1.13 5.21 -3.24
CA ALA A 21 1.58 4.67 -4.52
C ALA A 21 3.07 4.36 -4.49
N PHE A 22 3.45 3.21 -5.05
CA PHE A 22 4.85 2.80 -5.08
C PHE A 22 5.19 2.13 -6.41
N CYS A 23 6.01 2.80 -7.20
CA CYS A 23 6.42 2.28 -8.50
C CYS A 23 7.33 1.08 -8.35
N TRP A 24 8.05 1.02 -7.24
CA TRP A 24 8.96 -0.09 -6.97
C TRP A 24 8.27 -1.17 -6.13
N LYS A 25 8.63 -2.42 -6.39
CA LYS A 25 8.05 -3.55 -5.67
C LYS A 25 8.84 -3.84 -4.41
N SER A 26 10.12 -3.48 -4.42
CA SER A 26 10.99 -3.71 -3.27
C SER A 26 10.71 -2.70 -2.16
N GLN A 27 10.31 -1.50 -2.56
CA GLN A 27 10.01 -0.44 -1.60
C GLN A 27 8.79 -0.78 -0.77
N LEU A 28 7.89 -1.58 -1.34
CA LEU A 28 6.67 -2.00 -0.65
C LEU A 28 6.98 -3.04 0.42
N ILE A 29 7.97 -3.89 0.15
CA ILE A 29 8.36 -4.92 1.09
C ILE A 29 8.65 -4.34 2.46
N MET A 30 9.26 -3.16 2.49
CA MET A 30 9.58 -2.49 3.74
C MET A 30 8.42 -1.63 4.21
N HIS A 31 7.64 -1.13 3.27
CA HIS A 31 6.49 -0.28 3.60
C HIS A 31 5.43 -1.08 4.35
N GLN A 32 5.40 -2.38 4.13
CA GLN A 32 4.44 -3.26 4.79
C GLN A 32 4.85 -3.53 6.23
N ARG A 33 6.16 -3.50 6.49
CA ARG A 33 6.69 -3.74 7.82
C ARG A 33 6.00 -2.85 8.85
N THR A 34 6.05 -1.54 8.61
CA THR A 34 5.43 -0.59 9.52
C THR A 34 3.93 -0.83 9.65
N HIS A 35 3.34 -1.42 8.62
CA HIS A 35 1.91 -1.71 8.62
C HIS A 35 1.62 -2.97 9.44
N VAL A 36 1.57 -2.81 10.76
CA VAL A 36 1.31 -3.94 11.65
C VAL A 36 0.00 -4.65 11.26
N ASP A 37 -0.07 -5.93 11.57
CA ASP A 37 -1.25 -6.72 11.26
C ASP A 37 -2.43 -6.29 12.11
N ASP A 38 -3.33 -5.51 11.53
CA ASP A 38 -4.51 -5.04 12.24
C ASP A 38 -5.55 -6.14 12.38
N LYS A 39 -6.64 -5.85 13.09
CA LYS A 39 -7.71 -6.81 13.30
C LYS A 39 -8.47 -7.07 12.00
N HIS A 40 -9.05 -6.01 11.44
CA HIS A 40 -9.81 -6.11 10.20
C HIS A 40 -8.92 -6.63 9.07
N SER A 41 -7.97 -5.80 8.64
CA SER A 41 -7.08 -6.17 7.56
C SER A 41 -7.85 -6.51 6.29
N GLY A 42 -8.98 -5.82 6.09
CA GLY A 42 -9.79 -6.07 4.91
C GLY A 42 -10.49 -7.41 4.96
N PRO A 43 -11.46 -7.55 5.88
CA PRO A 43 -12.22 -8.78 6.05
C PRO A 43 -13.17 -9.05 4.88
N SER A 44 -12.73 -9.91 3.97
CA SER A 44 -13.53 -10.25 2.79
C SER A 44 -14.76 -11.06 3.20
N SER A 45 -15.93 -10.59 2.80
CA SER A 45 -17.19 -11.26 3.11
C SER A 45 -17.87 -11.74 1.85
N GLY A 46 -17.78 -10.96 0.78
CA GLY A 46 -18.40 -11.32 -0.47
C GLY A 46 -17.75 -12.53 -1.11
N GLY A 1 -7.73 5.56 -12.77
CA GLY A 1 -8.41 5.69 -14.05
C GLY A 1 -7.49 6.15 -15.16
N SER A 2 -6.77 5.20 -15.74
CA SER A 2 -5.83 5.50 -16.83
C SER A 2 -5.44 4.23 -17.58
N SER A 3 -5.37 4.34 -18.90
CA SER A 3 -5.00 3.20 -19.73
C SER A 3 -3.78 3.51 -20.58
N GLY A 4 -2.61 3.12 -20.09
CA GLY A 4 -1.37 3.37 -20.82
C GLY A 4 -0.32 2.32 -20.56
N SER A 5 0.24 1.76 -21.62
CA SER A 5 1.27 0.73 -21.50
C SER A 5 2.48 1.07 -22.35
N SER A 6 3.57 1.46 -21.70
CA SER A 6 4.80 1.83 -22.39
C SER A 6 5.96 1.95 -21.41
N GLY A 7 6.91 1.02 -21.51
CA GLY A 7 8.07 1.04 -20.63
C GLY A 7 7.97 0.00 -19.52
N THR A 8 8.33 0.40 -18.31
CA THR A 8 8.29 -0.50 -17.17
C THR A 8 7.77 0.21 -15.92
N GLY A 9 6.62 -0.23 -15.43
CA GLY A 9 6.03 0.38 -14.25
C GLY A 9 4.52 0.53 -14.36
N GLU A 10 4.08 1.73 -14.71
CA GLU A 10 2.66 2.01 -14.86
C GLU A 10 1.90 1.61 -13.59
N LYS A 11 2.38 2.09 -12.45
CA LYS A 11 1.74 1.78 -11.17
C LYS A 11 1.64 0.27 -10.96
N PRO A 12 2.78 -0.37 -10.67
CA PRO A 12 2.84 -1.81 -10.45
C PRO A 12 2.15 -2.23 -9.14
N CYS A 13 2.48 -1.52 -8.07
CA CYS A 13 1.92 -1.81 -6.75
C CYS A 13 1.29 -0.57 -6.15
N LYS A 14 0.27 -0.76 -5.31
CA LYS A 14 -0.41 0.35 -4.66
C LYS A 14 -0.96 -0.06 -3.30
N CYS A 15 -0.32 0.41 -2.24
CA CYS A 15 -0.74 0.08 -0.88
C CYS A 15 -2.23 0.38 -0.70
N THR A 16 -2.89 -0.45 0.12
CA THR A 16 -4.31 -0.28 0.38
C THR A 16 -4.55 0.23 1.80
N GLU A 17 -3.61 -0.07 2.69
CA GLU A 17 -3.71 0.35 4.09
C GLU A 17 -3.83 1.87 4.19
N CYS A 18 -3.12 2.58 3.32
CA CYS A 18 -3.14 4.03 3.31
C CYS A 18 -3.50 4.56 1.92
N GLY A 19 -3.00 3.89 0.89
CA GLY A 19 -3.28 4.31 -0.47
C GLY A 19 -2.06 4.89 -1.17
N LYS A 20 -0.88 4.54 -0.67
CA LYS A 20 0.37 5.02 -1.24
C LYS A 20 0.83 4.13 -2.39
N ALA A 21 1.04 4.73 -3.55
CA ALA A 21 1.48 3.99 -4.73
C ALA A 21 3.01 3.99 -4.83
N PHE A 22 3.59 2.79 -4.80
CA PHE A 22 5.04 2.66 -4.89
C PHE A 22 5.46 2.13 -6.26
N CYS A 23 6.10 3.00 -7.04
CA CYS A 23 6.55 2.63 -8.38
C CYS A 23 7.44 1.39 -8.34
N TRP A 24 8.09 1.18 -7.20
CA TRP A 24 8.97 0.03 -7.02
C TRP A 24 8.29 -1.07 -6.22
N LYS A 25 8.76 -2.30 -6.38
CA LYS A 25 8.19 -3.44 -5.67
C LYS A 25 8.96 -3.71 -4.38
N SER A 26 10.23 -3.31 -4.36
CA SER A 26 11.07 -3.52 -3.19
C SER A 26 10.76 -2.48 -2.11
N GLN A 27 10.28 -1.32 -2.54
CA GLN A 27 9.95 -0.24 -1.61
C GLN A 27 8.72 -0.59 -0.80
N LEU A 28 7.86 -1.42 -1.36
CA LEU A 28 6.63 -1.84 -0.69
C LEU A 28 6.92 -2.88 0.39
N ILE A 29 7.85 -3.79 0.08
CA ILE A 29 8.22 -4.84 1.02
C ILE A 29 8.58 -4.26 2.39
N MET A 30 9.09 -3.03 2.39
CA MET A 30 9.47 -2.36 3.61
C MET A 30 8.33 -1.49 4.15
N HIS A 31 7.47 -1.04 3.23
CA HIS A 31 6.34 -0.20 3.60
C HIS A 31 5.30 -1.00 4.38
N GLN A 32 5.27 -2.31 4.14
CA GLN A 32 4.32 -3.19 4.82
C GLN A 32 4.86 -3.63 6.18
N ARG A 33 6.18 -3.64 6.30
CA ARG A 33 6.82 -4.04 7.55
C ARG A 33 6.31 -3.18 8.72
N THR A 34 5.89 -1.97 8.41
CA THR A 34 5.39 -1.06 9.44
C THR A 34 3.87 -1.16 9.57
N HIS A 35 3.22 -1.58 8.49
CA HIS A 35 1.76 -1.74 8.49
C HIS A 35 1.35 -2.98 9.26
N VAL A 36 2.23 -3.96 9.32
CA VAL A 36 1.96 -5.22 10.01
C VAL A 36 1.47 -4.95 11.44
N ASP A 37 0.45 -5.68 11.86
CA ASP A 37 -0.11 -5.52 13.19
C ASP A 37 0.20 -6.75 14.05
N ASP A 38 0.09 -6.58 15.37
CA ASP A 38 0.35 -7.67 16.30
C ASP A 38 -0.94 -8.40 16.66
N LYS A 39 -0.91 -9.73 16.59
CA LYS A 39 -2.07 -10.55 16.91
C LYS A 39 -1.73 -11.56 18.00
N HIS A 40 -2.72 -11.85 18.85
CA HIS A 40 -2.53 -12.81 19.93
C HIS A 40 -3.69 -13.78 20.00
N SER A 41 -4.31 -14.04 18.86
CA SER A 41 -5.45 -14.95 18.79
C SER A 41 -6.59 -14.47 19.68
N GLY A 42 -6.82 -13.16 19.68
CA GLY A 42 -7.88 -12.59 20.50
C GLY A 42 -9.22 -12.57 19.79
N PRO A 43 -10.27 -12.15 20.50
CA PRO A 43 -11.63 -12.08 19.95
C PRO A 43 -11.77 -10.99 18.89
N SER A 44 -12.99 -10.79 18.40
CA SER A 44 -13.25 -9.79 17.39
C SER A 44 -14.75 -9.53 17.25
N SER A 45 -15.18 -8.31 17.54
CA SER A 45 -16.59 -7.94 17.45
C SER A 45 -17.13 -8.25 16.05
N GLY A 46 -16.54 -7.63 15.04
CA GLY A 46 -16.98 -7.84 13.68
C GLY A 46 -16.89 -9.29 13.26
N GLY A 1 -2.46 10.38 -26.44
CA GLY A 1 -2.22 9.09 -27.06
C GLY A 1 -2.33 7.95 -26.07
N SER A 2 -3.44 7.22 -26.12
CA SER A 2 -3.67 6.10 -25.22
C SER A 2 -3.14 4.80 -25.83
N SER A 3 -3.65 4.47 -27.01
CA SER A 3 -3.23 3.25 -27.70
C SER A 3 -2.55 3.58 -29.02
N GLY A 4 -1.23 3.70 -28.97
CA GLY A 4 -0.47 4.02 -30.17
C GLY A 4 0.83 3.25 -30.25
N SER A 5 1.95 3.96 -30.17
CA SER A 5 3.26 3.34 -30.24
C SER A 5 3.55 2.53 -28.98
N SER A 6 3.80 3.24 -27.87
CA SER A 6 4.08 2.59 -26.60
C SER A 6 2.83 2.51 -25.73
N GLY A 7 2.86 1.62 -24.75
CA GLY A 7 1.72 1.46 -23.87
C GLY A 7 1.98 2.04 -22.48
N THR A 8 0.91 2.28 -21.73
CA THR A 8 1.02 2.83 -20.39
C THR A 8 0.81 1.75 -19.34
N GLY A 9 1.58 1.83 -18.26
CA GLY A 9 1.46 0.85 -17.19
C GLY A 9 2.38 1.16 -16.02
N GLU A 10 2.26 2.37 -15.48
CA GLU A 10 3.08 2.78 -14.35
C GLU A 10 2.41 2.43 -13.03
N LYS A 11 3.20 2.42 -11.95
CA LYS A 11 2.69 2.10 -10.63
C LYS A 11 2.05 0.71 -10.61
N PRO A 12 2.90 -0.33 -10.73
CA PRO A 12 2.44 -1.72 -10.73
C PRO A 12 1.94 -2.17 -9.36
N CYS A 13 2.32 -1.42 -8.33
CA CYS A 13 1.91 -1.73 -6.96
C CYS A 13 1.39 -0.50 -6.25
N LYS A 14 0.36 -0.68 -5.43
CA LYS A 14 -0.24 0.42 -4.69
C LYS A 14 -0.80 -0.07 -3.35
N CYS A 15 -0.30 0.51 -2.26
CA CYS A 15 -0.74 0.14 -0.93
C CYS A 15 -2.19 0.55 -0.70
N THR A 16 -2.99 -0.38 -0.17
CA THR A 16 -4.39 -0.12 0.10
C THR A 16 -4.62 0.29 1.55
N GLU A 17 -3.74 -0.18 2.43
CA GLU A 17 -3.84 0.14 3.85
C GLU A 17 -3.82 1.65 4.08
N CYS A 18 -3.02 2.35 3.29
CA CYS A 18 -2.90 3.80 3.40
C CYS A 18 -3.32 4.47 2.10
N GLY A 19 -3.03 3.82 0.97
CA GLY A 19 -3.38 4.38 -0.31
C GLY A 19 -2.17 4.80 -1.12
N LYS A 20 -1.08 5.12 -0.42
CA LYS A 20 0.15 5.54 -1.07
C LYS A 20 0.58 4.53 -2.13
N ALA A 21 0.84 5.03 -3.34
CA ALA A 21 1.27 4.16 -4.44
C ALA A 21 2.78 4.04 -4.49
N PHE A 22 3.26 2.85 -4.85
CA PHE A 22 4.70 2.60 -4.94
C PHE A 22 5.07 2.02 -6.30
N CYS A 23 5.97 2.69 -7.00
CA CYS A 23 6.42 2.24 -8.32
C CYS A 23 7.38 1.08 -8.19
N TRP A 24 8.16 1.07 -7.12
CA TRP A 24 9.13 0.01 -6.89
C TRP A 24 8.56 -1.07 -5.98
N LYS A 25 8.83 -2.33 -6.31
CA LYS A 25 8.33 -3.45 -5.53
C LYS A 25 9.06 -3.55 -4.19
N SER A 26 10.40 -3.54 -4.25
CA SER A 26 11.22 -3.63 -3.04
C SER A 26 10.82 -2.55 -2.04
N GLN A 27 10.47 -1.38 -2.54
CA GLN A 27 10.07 -0.26 -1.69
C GLN A 27 8.81 -0.61 -0.90
N LEU A 28 8.01 -1.50 -1.46
CA LEU A 28 6.76 -1.92 -0.80
C LEU A 28 7.03 -3.03 0.21
N ILE A 29 8.01 -3.87 -0.10
CA ILE A 29 8.36 -4.97 0.80
C ILE A 29 8.63 -4.48 2.21
N MET A 30 9.24 -3.30 2.32
CA MET A 30 9.55 -2.72 3.61
C MET A 30 8.40 -1.84 4.11
N HIS A 31 7.68 -1.24 3.17
CA HIS A 31 6.55 -0.38 3.52
C HIS A 31 5.49 -1.16 4.29
N GLN A 32 5.45 -2.47 4.07
CA GLN A 32 4.49 -3.33 4.74
C GLN A 32 4.87 -3.55 6.21
N ARG A 33 6.16 -3.43 6.49
CA ARG A 33 6.67 -3.61 7.85
C ARG A 33 5.89 -2.74 8.84
N THR A 34 5.91 -1.43 8.61
CA THR A 34 5.22 -0.49 9.46
C THR A 34 3.74 -0.84 9.59
N HIS A 35 3.22 -1.53 8.58
CA HIS A 35 1.81 -1.93 8.57
C HIS A 35 1.62 -3.25 9.30
N VAL A 36 2.02 -3.28 10.57
CA VAL A 36 1.89 -4.49 11.38
C VAL A 36 0.47 -5.02 11.36
N ASP A 37 0.32 -6.33 11.20
CA ASP A 37 -0.99 -6.97 11.17
C ASP A 37 -1.26 -7.73 12.45
N ASP A 38 -0.99 -7.08 13.59
CA ASP A 38 -1.22 -7.70 14.89
C ASP A 38 -2.70 -7.82 15.19
N LYS A 39 -3.36 -6.69 15.38
CA LYS A 39 -4.79 -6.66 15.67
C LYS A 39 -5.56 -5.92 14.58
N HIS A 40 -6.10 -6.68 13.63
CA HIS A 40 -6.86 -6.10 12.53
C HIS A 40 -8.33 -6.02 12.87
N SER A 41 -8.80 -4.84 13.27
CA SER A 41 -10.20 -4.64 13.63
C SER A 41 -10.49 -3.16 13.84
N GLY A 42 -11.24 -2.58 12.91
CA GLY A 42 -11.59 -1.17 13.01
C GLY A 42 -12.70 -0.92 14.01
N PRO A 43 -13.93 -1.33 13.65
CA PRO A 43 -15.11 -1.16 14.50
C PRO A 43 -15.06 -2.05 15.73
N SER A 44 -15.54 -1.53 16.86
CA SER A 44 -15.55 -2.28 18.11
C SER A 44 -16.96 -2.31 18.71
N SER A 45 -17.30 -3.44 19.34
CA SER A 45 -18.61 -3.59 19.95
C SER A 45 -18.62 -4.76 20.94
N GLY A 46 -19.75 -4.98 21.58
CA GLY A 46 -19.87 -6.07 22.53
C GLY A 46 -20.34 -7.36 21.88
N GLY A 1 2.34 14.59 3.45
CA GLY A 1 2.22 15.01 2.07
C GLY A 1 1.98 13.85 1.13
N SER A 2 0.75 13.69 0.69
CA SER A 2 0.38 12.61 -0.22
C SER A 2 0.07 13.14 -1.61
N SER A 3 0.69 14.27 -1.95
CA SER A 3 0.49 14.89 -3.25
C SER A 3 1.69 14.66 -4.17
N GLY A 4 1.49 14.84 -5.47
CA GLY A 4 2.56 14.66 -6.42
C GLY A 4 2.10 14.00 -7.71
N SER A 5 1.60 12.77 -7.59
CA SER A 5 1.12 12.03 -8.75
C SER A 5 -0.35 12.32 -9.01
N SER A 6 -0.76 12.22 -10.27
CA SER A 6 -2.14 12.48 -10.66
C SER A 6 -2.80 11.21 -11.19
N GLY A 7 -2.13 10.55 -12.13
CA GLY A 7 -2.65 9.33 -12.71
C GLY A 7 -2.13 9.08 -14.12
N THR A 8 -0.82 9.24 -14.29
CA THR A 8 -0.19 9.04 -15.59
C THR A 8 1.23 8.52 -15.44
N GLY A 9 1.53 7.41 -16.11
CA GLY A 9 2.86 6.83 -16.04
C GLY A 9 2.82 5.35 -15.74
N GLU A 10 3.20 4.98 -14.51
CA GLU A 10 3.22 3.58 -14.11
C GLU A 10 2.73 3.43 -12.66
N LYS A 11 2.37 2.22 -12.29
CA LYS A 11 1.88 1.93 -10.94
C LYS A 11 1.63 0.44 -10.76
N PRO A 12 2.70 -0.35 -10.73
CA PRO A 12 2.62 -1.81 -10.56
C PRO A 12 2.17 -2.20 -9.16
N CYS A 13 2.69 -1.49 -8.16
CA CYS A 13 2.35 -1.76 -6.77
C CYS A 13 1.81 -0.51 -6.08
N LYS A 14 0.65 -0.64 -5.44
CA LYS A 14 0.03 0.47 -4.75
C LYS A 14 -0.70 -0.01 -3.50
N CYS A 15 -0.27 0.49 -2.34
CA CYS A 15 -0.88 0.11 -1.08
C CYS A 15 -2.28 0.71 -0.95
N THR A 16 -3.27 -0.16 -0.83
CA THR A 16 -4.66 0.28 -0.71
C THR A 16 -5.05 0.45 0.75
N GLU A 17 -4.36 -0.26 1.63
CA GLU A 17 -4.63 -0.18 3.06
C GLU A 17 -4.63 1.27 3.54
N CYS A 18 -3.67 2.05 3.04
CA CYS A 18 -3.56 3.45 3.41
C CYS A 18 -3.77 4.36 2.20
N GLY A 19 -3.45 3.84 1.02
CA GLY A 19 -3.60 4.61 -0.20
C GLY A 19 -2.29 5.17 -0.70
N LYS A 20 -1.18 4.55 -0.28
CA LYS A 20 0.14 5.00 -0.69
C LYS A 20 0.55 4.35 -2.02
N ALA A 21 1.30 5.09 -2.83
CA ALA A 21 1.76 4.58 -4.12
C ALA A 21 3.24 4.20 -4.06
N PHE A 22 3.54 2.97 -4.45
CA PHE A 22 4.91 2.48 -4.45
C PHE A 22 5.29 1.91 -5.81
N CYS A 23 5.81 2.76 -6.68
CA CYS A 23 6.22 2.35 -8.02
C CYS A 23 7.18 1.16 -7.95
N TRP A 24 7.99 1.13 -6.90
CA TRP A 24 8.96 0.05 -6.73
C TRP A 24 8.35 -1.09 -5.93
N LYS A 25 8.51 -2.32 -6.44
CA LYS A 25 7.97 -3.49 -5.76
C LYS A 25 8.74 -3.79 -4.48
N SER A 26 10.02 -3.43 -4.48
CA SER A 26 10.87 -3.65 -3.30
C SER A 26 10.57 -2.65 -2.20
N GLN A 27 10.19 -1.44 -2.61
CA GLN A 27 9.86 -0.39 -1.66
C GLN A 27 8.68 -0.78 -0.78
N LEU A 28 7.79 -1.61 -1.33
CA LEU A 28 6.62 -2.06 -0.59
C LEU A 28 7.01 -3.12 0.44
N ILE A 29 7.97 -3.96 0.09
CA ILE A 29 8.44 -5.01 0.99
C ILE A 29 8.82 -4.46 2.35
N MET A 30 9.29 -3.20 2.36
CA MET A 30 9.67 -2.55 3.61
C MET A 30 8.50 -1.77 4.20
N HIS A 31 7.59 -1.34 3.34
CA HIS A 31 6.41 -0.59 3.78
C HIS A 31 5.52 -1.45 4.67
N GLN A 32 5.19 -2.64 4.19
CA GLN A 32 4.33 -3.56 4.93
C GLN A 32 4.94 -3.88 6.30
N ARG A 33 6.26 -3.77 6.39
CA ARG A 33 6.97 -4.05 7.63
C ARG A 33 6.62 -3.03 8.70
N THR A 34 6.61 -1.75 8.31
CA THR A 34 6.28 -0.67 9.23
C THR A 34 4.80 -0.32 9.18
N HIS A 35 4.07 -1.00 8.30
CA HIS A 35 2.64 -0.76 8.16
C HIS A 35 1.88 -1.27 9.36
N VAL A 36 1.84 -0.46 10.42
CA VAL A 36 1.13 -0.83 11.64
C VAL A 36 0.01 0.15 11.95
N ASP A 37 -1.14 -0.38 12.36
CA ASP A 37 -2.30 0.43 12.69
C ASP A 37 -2.56 0.42 14.20
N ASP A 38 -2.29 1.55 14.84
CA ASP A 38 -2.50 1.67 16.28
C ASP A 38 -3.94 2.10 16.59
N LYS A 39 -4.44 1.65 17.73
CA LYS A 39 -5.80 1.99 18.14
C LYS A 39 -5.80 2.71 19.48
N HIS A 40 -4.95 2.27 20.39
CA HIS A 40 -4.86 2.89 21.71
C HIS A 40 -3.59 3.73 21.83
N SER A 41 -2.44 3.10 21.59
CA SER A 41 -1.15 3.79 21.67
C SER A 41 -0.79 4.42 20.32
N GLY A 42 -1.73 5.15 19.74
CA GLY A 42 -1.49 5.79 18.46
C GLY A 42 -1.06 7.23 18.60
N PRO A 43 -0.58 7.82 17.49
CA PRO A 43 -0.12 9.21 17.48
C PRO A 43 -1.27 10.21 17.63
N SER A 44 -2.36 9.96 16.90
CA SER A 44 -3.52 10.84 16.95
C SER A 44 -4.79 10.03 17.23
N SER A 45 -5.48 10.40 18.30
CA SER A 45 -6.71 9.70 18.68
C SER A 45 -7.94 10.52 18.28
N GLY A 46 -7.91 11.05 17.06
CA GLY A 46 -9.03 11.83 16.56
C GLY A 46 -9.78 11.14 15.45
N GLY A 1 -18.10 4.22 0.36
CA GLY A 1 -17.17 3.92 -0.71
C GLY A 1 -16.74 5.16 -1.47
N SER A 2 -15.85 4.97 -2.44
CA SER A 2 -15.36 6.09 -3.24
C SER A 2 -16.12 6.19 -4.56
N SER A 3 -16.62 7.39 -4.86
CA SER A 3 -17.37 7.62 -6.09
C SER A 3 -16.48 7.45 -7.31
N GLY A 4 -15.37 8.20 -7.34
CA GLY A 4 -14.45 8.11 -8.46
C GLY A 4 -14.50 9.34 -9.35
N SER A 5 -13.81 10.39 -8.94
CA SER A 5 -13.79 11.64 -9.71
C SER A 5 -12.57 11.68 -10.63
N SER A 6 -11.40 11.46 -10.06
CA SER A 6 -10.16 11.48 -10.83
C SER A 6 -9.22 10.37 -10.38
N GLY A 7 -8.97 9.41 -11.27
CA GLY A 7 -8.09 8.30 -10.94
C GLY A 7 -6.72 8.45 -11.56
N THR A 8 -5.76 8.95 -10.78
CA THR A 8 -4.40 9.15 -11.26
C THR A 8 -3.40 8.37 -10.42
N GLY A 9 -2.51 7.65 -11.08
CA GLY A 9 -1.52 6.86 -10.38
C GLY A 9 -1.11 5.62 -11.14
N GLU A 10 -0.34 5.79 -12.20
CA GLU A 10 0.11 4.68 -13.02
C GLU A 10 1.27 3.95 -12.35
N LYS A 11 1.01 3.35 -11.20
CA LYS A 11 2.03 2.63 -10.46
C LYS A 11 1.76 1.12 -10.47
N PRO A 12 2.82 0.32 -10.26
CA PRO A 12 2.71 -1.14 -10.24
C PRO A 12 1.95 -1.65 -9.02
N CYS A 13 2.31 -1.14 -7.85
CA CYS A 13 1.66 -1.55 -6.61
C CYS A 13 1.10 -0.34 -5.86
N LYS A 14 -0.13 -0.45 -5.39
CA LYS A 14 -0.77 0.63 -4.65
C LYS A 14 -1.34 0.13 -3.33
N CYS A 15 -0.59 0.35 -2.25
CA CYS A 15 -1.03 -0.08 -0.92
C CYS A 15 -2.43 0.45 -0.62
N THR A 16 -3.35 -0.47 -0.33
CA THR A 16 -4.73 -0.10 -0.02
C THR A 16 -4.89 0.19 1.47
N GLU A 17 -4.02 -0.41 2.28
CA GLU A 17 -4.07 -0.22 3.73
C GLU A 17 -4.05 1.27 4.07
N CYS A 18 -3.29 2.04 3.30
CA CYS A 18 -3.19 3.48 3.53
C CYS A 18 -3.58 4.26 2.28
N GLY A 19 -3.19 3.73 1.12
CA GLY A 19 -3.52 4.40 -0.13
C GLY A 19 -2.30 5.00 -0.80
N LYS A 20 -1.12 4.52 -0.42
CA LYS A 20 0.13 5.02 -0.98
C LYS A 20 0.51 4.25 -2.23
N ALA A 21 1.27 4.89 -3.12
CA ALA A 21 1.70 4.26 -4.36
C ALA A 21 3.21 4.02 -4.35
N PHE A 22 3.64 2.95 -5.01
CA PHE A 22 5.06 2.62 -5.08
C PHE A 22 5.44 2.17 -6.49
N CYS A 23 6.44 2.84 -7.06
CA CYS A 23 6.90 2.52 -8.41
C CYS A 23 7.80 1.29 -8.39
N TRP A 24 8.42 1.03 -7.25
CA TRP A 24 9.30 -0.12 -7.10
C TRP A 24 8.63 -1.23 -6.32
N LYS A 25 9.15 -2.45 -6.45
CA LYS A 25 8.59 -3.60 -5.76
C LYS A 25 9.25 -3.80 -4.40
N SER A 26 10.59 -3.81 -4.40
CA SER A 26 11.34 -3.99 -3.17
C SER A 26 11.01 -2.90 -2.15
N GLN A 27 10.60 -1.74 -2.66
CA GLN A 27 10.25 -0.62 -1.80
C GLN A 27 8.98 -0.92 -1.01
N LEU A 28 8.06 -1.65 -1.61
CA LEU A 28 6.81 -2.02 -0.96
C LEU A 28 7.03 -3.10 0.09
N ILE A 29 7.97 -4.01 -0.20
CA ILE A 29 8.27 -5.10 0.72
C ILE A 29 8.64 -4.56 2.09
N MET A 30 9.17 -3.34 2.13
CA MET A 30 9.55 -2.72 3.39
C MET A 30 8.43 -1.84 3.94
N HIS A 31 7.58 -1.36 3.04
CA HIS A 31 6.47 -0.50 3.43
C HIS A 31 5.49 -1.26 4.33
N GLN A 32 5.45 -2.58 4.16
CA GLN A 32 4.56 -3.42 4.95
C GLN A 32 4.95 -3.39 6.43
N ARG A 33 6.24 -3.18 6.68
CA ARG A 33 6.74 -3.13 8.06
C ARG A 33 5.98 -2.08 8.87
N THR A 34 5.74 -0.92 8.26
CA THR A 34 5.04 0.16 8.93
C THR A 34 3.65 -0.30 9.38
N HIS A 35 3.08 -1.26 8.65
CA HIS A 35 1.75 -1.77 8.98
C HIS A 35 1.86 -2.99 9.89
N VAL A 36 1.90 -2.75 11.20
CA VAL A 36 1.99 -3.83 12.17
C VAL A 36 0.72 -4.65 12.20
N ASP A 37 0.86 -5.97 12.08
CA ASP A 37 -0.28 -6.87 12.09
C ASP A 37 -0.88 -6.96 13.49
N ASP A 38 -1.77 -6.02 13.81
CA ASP A 38 -2.42 -5.98 15.12
C ASP A 38 -3.82 -6.59 15.03
N LYS A 39 -4.22 -7.27 16.10
CA LYS A 39 -5.54 -7.90 16.15
C LYS A 39 -6.39 -7.26 17.24
N HIS A 40 -6.82 -6.03 17.01
CA HIS A 40 -7.64 -5.32 17.97
C HIS A 40 -9.08 -5.21 17.47
N SER A 41 -10.04 -5.38 18.38
CA SER A 41 -11.45 -5.31 18.03
C SER A 41 -12.07 -4.02 18.56
N GLY A 42 -12.39 -3.10 17.65
CA GLY A 42 -12.99 -1.84 18.06
C GLY A 42 -13.56 -1.07 16.88
N PRO A 43 -12.67 -0.50 16.05
CA PRO A 43 -13.06 0.28 14.88
C PRO A 43 -13.66 -0.60 13.78
N SER A 44 -14.82 -0.18 13.27
CA SER A 44 -15.50 -0.94 12.23
C SER A 44 -15.14 -0.38 10.84
N SER A 45 -13.84 -0.36 10.55
CA SER A 45 -13.35 0.14 9.27
C SER A 45 -12.72 -0.98 8.45
N GLY A 46 -13.52 -1.57 7.56
CA GLY A 46 -13.02 -2.65 6.73
C GLY A 46 -14.13 -3.36 5.98
N GLY A 1 -22.12 8.63 -7.01
CA GLY A 1 -21.01 7.86 -6.49
C GLY A 1 -19.85 7.79 -7.45
N SER A 2 -18.87 8.68 -7.27
CA SER A 2 -17.69 8.72 -8.13
C SER A 2 -16.55 9.47 -7.45
N SER A 3 -15.51 8.72 -7.09
CA SER A 3 -14.34 9.31 -6.44
C SER A 3 -13.09 8.49 -6.70
N GLY A 4 -11.93 9.14 -6.63
CA GLY A 4 -10.68 8.45 -6.87
C GLY A 4 -10.66 7.73 -8.20
N SER A 5 -10.86 8.49 -9.28
CA SER A 5 -10.86 7.92 -10.62
C SER A 5 -9.84 8.62 -11.51
N SER A 6 -8.93 7.84 -12.09
CA SER A 6 -7.90 8.39 -12.96
C SER A 6 -7.15 7.27 -13.68
N GLY A 7 -6.32 7.65 -14.64
CA GLY A 7 -5.55 6.67 -15.39
C GLY A 7 -4.15 7.17 -15.74
N THR A 8 -3.54 7.89 -14.81
CA THR A 8 -2.20 8.43 -15.03
C THR A 8 -1.17 7.70 -14.17
N GLY A 9 -1.50 7.49 -12.90
CA GLY A 9 -0.60 6.81 -12.00
C GLY A 9 -0.74 5.30 -12.07
N GLU A 10 -0.27 4.71 -13.17
CA GLU A 10 -0.35 3.27 -13.35
C GLU A 10 0.77 2.57 -12.60
N LYS A 11 0.80 2.73 -11.29
CA LYS A 11 1.83 2.11 -10.46
C LYS A 11 1.66 0.59 -10.42
N PRO A 12 2.75 -0.12 -10.12
CA PRO A 12 2.74 -1.58 -10.04
C PRO A 12 1.95 -2.10 -8.85
N CYS A 13 2.21 -1.53 -7.68
CA CYS A 13 1.51 -1.93 -6.46
C CYS A 13 1.04 -0.72 -5.68
N LYS A 14 -0.27 -0.62 -5.48
CA LYS A 14 -0.86 0.50 -4.74
C LYS A 14 -1.40 0.03 -3.39
N CYS A 15 -0.66 0.34 -2.33
CA CYS A 15 -1.07 -0.05 -0.98
C CYS A 15 -2.46 0.49 -0.66
N THR A 16 -3.39 -0.41 -0.33
CA THR A 16 -4.75 -0.04 -0.01
C THR A 16 -4.88 0.31 1.47
N GLU A 17 -4.00 -0.26 2.29
CA GLU A 17 -4.03 -0.01 3.72
C GLU A 17 -4.04 1.48 4.02
N CYS A 18 -3.29 2.25 3.23
CA CYS A 18 -3.21 3.69 3.41
C CYS A 18 -3.58 4.41 2.11
N GLY A 19 -3.12 3.87 0.99
CA GLY A 19 -3.41 4.49 -0.29
C GLY A 19 -2.19 5.13 -0.92
N LYS A 20 -1.01 4.60 -0.60
CA LYS A 20 0.24 5.13 -1.13
C LYS A 20 0.61 4.45 -2.44
N ALA A 21 1.38 5.14 -3.27
CA ALA A 21 1.81 4.59 -4.55
C ALA A 21 3.30 4.27 -4.54
N PHE A 22 3.65 3.09 -5.04
CA PHE A 22 5.05 2.66 -5.08
C PHE A 22 5.41 2.13 -6.46
N CYS A 23 6.35 2.80 -7.12
CA CYS A 23 6.78 2.39 -8.45
C CYS A 23 7.74 1.21 -8.37
N TRP A 24 8.40 1.06 -7.23
CA TRP A 24 9.34 -0.04 -7.04
C TRP A 24 8.69 -1.17 -6.25
N LYS A 25 9.23 -2.38 -6.40
CA LYS A 25 8.71 -3.55 -5.70
C LYS A 25 9.30 -3.65 -4.29
N SER A 26 10.62 -3.53 -4.20
CA SER A 26 11.30 -3.61 -2.91
C SER A 26 10.85 -2.49 -1.98
N GLN A 27 10.40 -1.39 -2.58
CA GLN A 27 9.95 -0.24 -1.81
C GLN A 27 8.69 -0.58 -1.02
N LEU A 28 7.89 -1.50 -1.55
CA LEU A 28 6.66 -1.93 -0.89
C LEU A 28 6.94 -2.99 0.16
N ILE A 29 7.94 -3.82 -0.11
CA ILE A 29 8.31 -4.89 0.80
C ILE A 29 8.58 -4.35 2.20
N MET A 30 9.19 -3.16 2.26
CA MET A 30 9.51 -2.53 3.54
C MET A 30 8.32 -1.73 4.05
N HIS A 31 7.47 -1.28 3.12
CA HIS A 31 6.29 -0.49 3.50
C HIS A 31 5.31 -1.34 4.31
N GLN A 32 5.33 -2.65 4.07
CA GLN A 32 4.45 -3.56 4.79
C GLN A 32 4.90 -3.75 6.22
N ARG A 33 6.20 -3.58 6.46
CA ARG A 33 6.76 -3.74 7.79
C ARG A 33 6.09 -2.79 8.78
N THR A 34 6.18 -1.49 8.49
CA THR A 34 5.57 -0.48 9.35
C THR A 34 4.10 -0.76 9.58
N HIS A 35 3.46 -1.41 8.62
CA HIS A 35 2.04 -1.74 8.72
C HIS A 35 1.83 -2.94 9.64
N VAL A 36 1.79 -2.68 10.94
CA VAL A 36 1.59 -3.74 11.92
C VAL A 36 0.14 -3.79 12.39
N ASP A 37 -0.59 -4.82 11.93
CA ASP A 37 -1.98 -4.98 12.30
C ASP A 37 -2.46 -6.41 12.01
N ASP A 38 -3.38 -6.89 12.83
CA ASP A 38 -3.91 -8.24 12.65
C ASP A 38 -5.32 -8.20 12.08
N LYS A 39 -5.42 -8.19 10.75
CA LYS A 39 -6.71 -8.15 10.07
C LYS A 39 -6.95 -9.43 9.27
N HIS A 40 -7.92 -10.21 9.71
CA HIS A 40 -8.25 -11.47 9.03
C HIS A 40 -8.96 -11.20 7.70
N SER A 41 -9.22 -12.27 6.95
CA SER A 41 -9.89 -12.14 5.66
C SER A 41 -11.18 -11.34 5.79
N GLY A 42 -11.84 -11.47 6.93
CA GLY A 42 -13.08 -10.74 7.16
C GLY A 42 -14.14 -11.62 7.80
N PRO A 43 -15.26 -11.00 8.19
CA PRO A 43 -16.38 -11.70 8.83
C PRO A 43 -17.11 -12.61 7.86
N SER A 44 -17.14 -13.91 8.17
CA SER A 44 -17.81 -14.89 7.31
C SER A 44 -19.32 -14.68 7.34
N SER A 45 -19.83 -14.19 8.46
CA SER A 45 -21.26 -13.96 8.62
C SER A 45 -21.59 -12.48 8.41
N GLY A 46 -22.60 -12.21 7.60
CA GLY A 46 -23.01 -10.85 7.33
C GLY A 46 -23.93 -10.74 6.14
N GLY A 1 -7.95 -11.75 -7.91
CA GLY A 1 -6.77 -12.18 -7.17
C GLY A 1 -5.56 -11.34 -7.48
N SER A 2 -4.38 -11.94 -7.38
CA SER A 2 -3.12 -11.24 -7.65
C SER A 2 -3.16 -10.57 -9.02
N SER A 3 -3.01 -9.25 -9.04
CA SER A 3 -3.02 -8.49 -10.28
C SER A 3 -2.66 -7.04 -10.04
N GLY A 4 -2.33 -6.32 -11.11
CA GLY A 4 -1.96 -4.92 -10.98
C GLY A 4 -1.02 -4.47 -12.08
N SER A 5 0.13 -5.13 -12.17
CA SER A 5 1.12 -4.78 -13.18
C SER A 5 0.71 -5.32 -14.55
N SER A 6 0.87 -4.48 -15.57
CA SER A 6 0.52 -4.87 -16.94
C SER A 6 1.72 -4.76 -17.87
N GLY A 7 2.45 -3.66 -17.76
CA GLY A 7 3.63 -3.45 -18.59
C GLY A 7 4.83 -3.03 -17.79
N THR A 8 5.09 -1.73 -17.75
CA THR A 8 6.23 -1.18 -17.02
C THR A 8 5.95 0.23 -16.53
N GLY A 9 6.00 0.41 -15.21
CA GLY A 9 5.75 1.72 -14.63
C GLY A 9 4.27 2.03 -14.51
N GLU A 10 3.46 0.98 -14.45
CA GLU A 10 2.01 1.14 -14.35
C GLU A 10 1.54 0.87 -12.92
N LYS A 11 2.27 1.40 -11.95
CA LYS A 11 1.92 1.23 -10.55
C LYS A 11 1.88 -0.25 -10.18
N PRO A 12 3.06 -0.90 -10.19
CA PRO A 12 3.18 -2.33 -9.86
C PRO A 12 2.93 -2.60 -8.38
N CYS A 13 2.83 -1.54 -7.59
CA CYS A 13 2.59 -1.66 -6.16
C CYS A 13 1.82 -0.46 -5.63
N LYS A 14 0.56 -0.68 -5.27
CA LYS A 14 -0.29 0.39 -4.75
C LYS A 14 -0.87 0.01 -3.40
N CYS A 15 -0.24 0.46 -2.33
CA CYS A 15 -0.70 0.15 -0.97
C CYS A 15 -2.10 0.72 -0.74
N THR A 16 -3.06 -0.16 -0.51
CA THR A 16 -4.44 0.26 -0.27
C THR A 16 -4.69 0.53 1.21
N GLU A 17 -3.88 -0.10 2.07
CA GLU A 17 -4.01 0.08 3.51
C GLU A 17 -4.01 1.56 3.88
N CYS A 18 -3.19 2.33 3.17
CA CYS A 18 -3.09 3.77 3.43
C CYS A 18 -3.53 4.56 2.20
N GLY A 19 -3.34 3.98 1.02
CA GLY A 19 -3.72 4.65 -0.21
C GLY A 19 -2.54 5.30 -0.91
N LYS A 20 -1.33 4.86 -0.55
CA LYS A 20 -0.11 5.41 -1.14
C LYS A 20 0.29 4.61 -2.38
N ALA A 21 0.57 5.31 -3.47
CA ALA A 21 0.97 4.66 -4.71
C ALA A 21 2.48 4.50 -4.79
N PHE A 22 2.93 3.26 -4.91
CA PHE A 22 4.35 2.96 -4.98
C PHE A 22 4.74 2.49 -6.39
N CYS A 23 6.01 2.66 -6.73
CA CYS A 23 6.50 2.25 -8.04
C CYS A 23 7.57 1.16 -7.92
N TRP A 24 8.25 1.15 -6.78
CA TRP A 24 9.29 0.16 -6.53
C TRP A 24 8.72 -1.09 -5.86
N LYS A 25 8.81 -2.22 -6.55
CA LYS A 25 8.30 -3.47 -6.03
C LYS A 25 8.97 -3.81 -4.70
N SER A 26 10.18 -3.29 -4.49
CA SER A 26 10.92 -3.56 -3.26
C SER A 26 10.47 -2.62 -2.15
N GLN A 27 10.30 -1.34 -2.49
CA GLN A 27 9.87 -0.34 -1.52
C GLN A 27 8.62 -0.80 -0.78
N LEU A 28 7.79 -1.58 -1.47
CA LEU A 28 6.56 -2.09 -0.87
C LEU A 28 6.85 -3.23 0.10
N ILE A 29 7.77 -4.11 -0.28
CA ILE A 29 8.14 -5.24 0.56
C ILE A 29 8.58 -4.77 1.95
N MET A 30 9.17 -3.58 2.01
CA MET A 30 9.63 -3.03 3.27
C MET A 30 8.58 -2.11 3.88
N HIS A 31 7.72 -1.55 3.02
CA HIS A 31 6.68 -0.65 3.47
C HIS A 31 5.67 -1.39 4.34
N GLN A 32 5.52 -2.68 4.09
CA GLN A 32 4.58 -3.51 4.85
C GLN A 32 5.03 -3.64 6.31
N ARG A 33 6.33 -3.50 6.53
CA ARG A 33 6.90 -3.62 7.87
C ARG A 33 6.16 -2.70 8.84
N THR A 34 6.18 -1.40 8.57
CA THR A 34 5.52 -0.43 9.41
C THR A 34 4.03 -0.73 9.54
N HIS A 35 3.48 -1.41 8.54
CA HIS A 35 2.07 -1.76 8.54
C HIS A 35 1.81 -2.98 9.42
N VAL A 36 2.01 -2.80 10.74
CA VAL A 36 1.81 -3.88 11.69
C VAL A 36 0.35 -4.34 11.69
N ASP A 37 0.14 -5.63 11.93
CA ASP A 37 -1.20 -6.19 11.97
C ASP A 37 -1.31 -7.28 13.03
N ASP A 38 -2.13 -7.02 14.06
CA ASP A 38 -2.32 -7.98 15.14
C ASP A 38 -3.56 -8.84 14.90
N LYS A 39 -3.70 -9.91 15.67
CA LYS A 39 -4.83 -10.80 15.54
C LYS A 39 -5.96 -10.40 16.48
N HIS A 40 -6.95 -9.72 15.93
CA HIS A 40 -8.10 -9.27 16.73
C HIS A 40 -9.23 -10.30 16.67
N SER A 41 -9.19 -11.28 17.56
CA SER A 41 -10.21 -12.31 17.60
C SER A 41 -10.65 -12.59 19.04
N GLY A 42 -11.91 -12.99 19.20
CA GLY A 42 -12.44 -13.27 20.52
C GLY A 42 -13.88 -13.75 20.48
N PRO A 43 -14.80 -12.84 20.16
CA PRO A 43 -16.23 -13.14 20.08
C PRO A 43 -16.57 -14.04 18.89
N SER A 44 -15.68 -14.05 17.90
CA SER A 44 -15.89 -14.86 16.70
C SER A 44 -14.74 -15.85 16.51
N SER A 45 -15.06 -17.14 16.53
CA SER A 45 -14.06 -18.18 16.36
C SER A 45 -13.79 -18.45 14.88
N GLY A 46 -14.76 -19.05 14.21
CA GLY A 46 -14.62 -19.35 12.79
C GLY A 46 -15.48 -18.46 11.92
N GLY A 1 -1.61 13.58 5.47
CA GLY A 1 -1.19 13.88 4.12
C GLY A 1 -2.36 14.14 3.19
N SER A 2 -2.18 15.05 2.24
CA SER A 2 -3.23 15.38 1.29
C SER A 2 -3.42 14.26 0.28
N SER A 3 -4.66 14.08 -0.17
CA SER A 3 -4.99 13.02 -1.13
C SER A 3 -4.82 13.54 -2.56
N GLY A 4 -3.57 13.75 -2.97
CA GLY A 4 -3.30 14.23 -4.31
C GLY A 4 -2.97 13.11 -5.27
N SER A 5 -3.53 13.20 -6.48
CA SER A 5 -3.30 12.17 -7.49
C SER A 5 -2.06 12.50 -8.32
N SER A 6 -0.89 12.13 -7.80
CA SER A 6 0.36 12.40 -8.49
C SER A 6 1.02 11.09 -8.93
N GLY A 7 0.22 10.20 -9.52
CA GLY A 7 0.73 8.93 -9.98
C GLY A 7 0.08 8.46 -11.25
N THR A 8 0.43 9.10 -12.37
CA THR A 8 -0.13 8.76 -13.68
C THR A 8 0.80 7.82 -14.43
N GLY A 9 0.68 6.53 -14.15
CA GLY A 9 1.52 5.54 -14.82
C GLY A 9 2.69 5.10 -13.97
N GLU A 10 3.34 4.03 -14.39
CA GLU A 10 4.49 3.50 -13.65
C GLU A 10 4.10 3.12 -12.22
N LYS A 11 2.85 2.69 -12.05
CA LYS A 11 2.35 2.30 -10.74
C LYS A 11 1.89 0.85 -10.73
N PRO A 12 2.85 -0.07 -10.84
CA PRO A 12 2.57 -1.51 -10.85
C PRO A 12 2.09 -2.02 -9.49
N CYS A 13 2.51 -1.35 -8.43
CA CYS A 13 2.12 -1.73 -7.08
C CYS A 13 1.56 -0.54 -6.31
N LYS A 14 0.49 -0.77 -5.57
CA LYS A 14 -0.14 0.29 -4.79
C LYS A 14 -0.66 -0.25 -3.46
N CYS A 15 -0.23 0.37 -2.36
CA CYS A 15 -0.65 -0.04 -1.04
C CYS A 15 -2.14 0.19 -0.84
N THR A 16 -2.78 -0.68 -0.06
CA THR A 16 -4.21 -0.57 0.21
C THR A 16 -4.47 -0.15 1.65
N GLU A 17 -3.52 -0.44 2.52
CA GLU A 17 -3.65 -0.10 3.93
C GLU A 17 -3.84 1.41 4.11
N CYS A 18 -2.95 2.18 3.50
CA CYS A 18 -3.02 3.63 3.58
C CYS A 18 -3.47 4.23 2.25
N GLY A 19 -3.07 3.61 1.15
CA GLY A 19 -3.45 4.09 -0.16
C GLY A 19 -2.32 4.83 -0.87
N LYS A 20 -1.09 4.49 -0.50
CA LYS A 20 0.08 5.13 -1.09
C LYS A 20 0.51 4.40 -2.36
N ALA A 21 1.33 5.06 -3.18
CA ALA A 21 1.82 4.48 -4.42
C ALA A 21 3.32 4.21 -4.35
N PHE A 22 3.76 3.16 -5.03
CA PHE A 22 5.17 2.80 -5.04
C PHE A 22 5.56 2.19 -6.39
N CYS A 23 6.44 2.88 -7.10
CA CYS A 23 6.90 2.41 -8.41
C CYS A 23 7.79 1.17 -8.26
N TRP A 24 8.46 1.06 -7.12
CA TRP A 24 9.34 -0.07 -6.85
C TRP A 24 8.67 -1.07 -5.92
N LYS A 25 8.36 -2.25 -6.46
CA LYS A 25 7.72 -3.30 -5.67
C LYS A 25 8.50 -3.57 -4.38
N SER A 26 9.81 -3.34 -4.43
CA SER A 26 10.66 -3.56 -3.27
C SER A 26 10.29 -2.61 -2.13
N GLN A 27 10.10 -1.34 -2.48
CA GLN A 27 9.75 -0.34 -1.48
C GLN A 27 8.48 -0.73 -0.73
N LEU A 28 7.63 -1.51 -1.39
CA LEU A 28 6.38 -1.95 -0.80
C LEU A 28 6.63 -3.05 0.24
N ILE A 29 7.55 -3.95 -0.08
CA ILE A 29 7.88 -5.05 0.82
C ILE A 29 8.26 -4.53 2.20
N MET A 30 8.92 -3.37 2.23
CA MET A 30 9.33 -2.77 3.49
C MET A 30 8.26 -1.81 4.01
N HIS A 31 7.47 -1.25 3.10
CA HIS A 31 6.41 -0.32 3.47
C HIS A 31 5.35 -1.01 4.32
N GLN A 32 5.23 -2.33 4.15
CA GLN A 32 4.25 -3.10 4.90
C GLN A 32 4.75 -3.38 6.32
N ARG A 33 6.07 -3.39 6.49
CA ARG A 33 6.67 -3.64 7.79
C ARG A 33 6.09 -2.70 8.84
N THR A 34 6.16 -1.40 8.57
CA THR A 34 5.65 -0.39 9.49
C THR A 34 4.14 -0.54 9.69
N HIS A 35 3.48 -1.11 8.69
CA HIS A 35 2.03 -1.32 8.76
C HIS A 35 1.69 -2.47 9.70
N VAL A 36 1.75 -2.19 11.01
CA VAL A 36 1.45 -3.21 12.02
C VAL A 36 -0.01 -3.12 12.45
N ASP A 37 -0.59 -1.93 12.33
CA ASP A 37 -1.98 -1.72 12.72
C ASP A 37 -2.90 -1.73 11.50
N ASP A 38 -3.51 -2.89 11.24
CA ASP A 38 -4.40 -3.03 10.09
C ASP A 38 -5.59 -2.08 10.21
N LYS A 39 -6.35 -1.95 9.12
CA LYS A 39 -7.50 -1.07 9.09
C LYS A 39 -8.72 -1.79 8.52
N HIS A 40 -8.52 -2.51 7.42
CA HIS A 40 -9.59 -3.25 6.78
C HIS A 40 -9.92 -4.52 7.55
N SER A 41 -11.07 -5.11 7.24
CA SER A 41 -11.50 -6.34 7.91
C SER A 41 -11.57 -6.13 9.42
N GLY A 42 -11.83 -4.89 9.83
CA GLY A 42 -11.91 -4.58 11.25
C GLY A 42 -13.34 -4.30 11.69
N PRO A 43 -13.55 -4.24 13.01
CA PRO A 43 -14.87 -3.97 13.60
C PRO A 43 -15.32 -2.53 13.36
N SER A 44 -14.37 -1.65 13.05
CA SER A 44 -14.67 -0.26 12.81
C SER A 44 -15.76 -0.11 11.74
N SER A 45 -15.51 -0.70 10.57
CA SER A 45 -16.46 -0.64 9.47
C SER A 45 -17.58 -1.65 9.65
N GLY A 46 -18.79 -1.16 9.86
CA GLY A 46 -19.93 -2.03 10.05
C GLY A 46 -20.22 -2.88 8.82
#